data_2B7K
#
_entry.id   2B7K
#
_cell.length_a   54.7
_cell.length_b   81.3
_cell.length_c   79.5
_cell.angle_alpha   90
_cell.angle_beta   90
_cell.angle_gamma   90
#
_symmetry.space_group_name_H-M   'P 1 21 1'
#
loop_
_entity.id
_entity.type
_entity.pdbx_description
1 polymer 'SCO1 protein'
2 non-polymer 'PLATINUM (II) ION'
3 water water
#
_entity_poly.entity_id   1
_entity_poly.type   'polypeptide(L)'
_entity_poly.pdbx_seq_one_letter_code
;RRLETQKEAEANRGYGKPSLGGPFHLEDMYGNEFTEKNLLGKFSIIYFGFSNCPDICPDELDKLGLWLNTLSSKYGITLQ
PLFITCDPARDSPAVLKEYLSDFHPSILGLTGTFDEVKNACKKYRVYFSTPPNVKPGQDYLVDHSIFFYLMDPEGQFVDA
LGRNYDEKTGVDKIVEHVKSYVPAEQRAKQKEAWYSFLFK
;
_entity_poly.pdbx_strand_id   A,B,C,D
#
loop_
_chem_comp.id
_chem_comp.type
_chem_comp.name
_chem_comp.formula
PT non-polymer 'PLATINUM (II) ION' 'Pt 2'
#
# COMPACT_ATOMS: atom_id res chain seq x y z
N GLY A 16 1.12 -23.89 20.53
CA GLY A 16 0.06 -23.79 19.50
C GLY A 16 0.64 -23.53 18.12
N LYS A 17 1.24 -22.36 17.94
CA LYS A 17 1.84 -22.00 16.67
C LYS A 17 3.11 -22.83 16.49
N PRO A 18 3.61 -22.95 15.25
CA PRO A 18 4.82 -23.74 15.05
C PRO A 18 5.96 -23.25 15.94
N SER A 19 6.69 -24.19 16.51
CA SER A 19 7.81 -23.88 17.41
C SER A 19 9.01 -23.30 16.67
N LEU A 20 8.83 -22.09 16.15
CA LEU A 20 9.90 -21.41 15.41
C LEU A 20 10.85 -20.69 16.36
N GLY A 21 12.07 -20.45 15.88
CA GLY A 21 13.07 -19.77 16.69
C GLY A 21 13.91 -20.75 17.48
N GLY A 22 14.91 -20.22 18.18
CA GLY A 22 15.79 -21.06 18.96
C GLY A 22 17.17 -20.46 18.93
N PRO A 23 18.15 -21.09 19.60
CA PRO A 23 19.51 -20.54 19.61
C PRO A 23 20.17 -20.41 18.25
N PHE A 24 20.83 -19.28 18.05
CA PHE A 24 21.57 -19.02 16.82
C PHE A 24 22.70 -18.07 17.17
N HIS A 25 23.73 -18.06 16.33
CA HIS A 25 24.92 -17.24 16.57
C HIS A 25 25.35 -16.62 15.25
N LEU A 26 25.19 -15.30 15.12
CA LEU A 26 25.56 -14.60 13.88
C LEU A 26 26.36 -13.37 14.22
N GLU A 27 26.53 -12.49 13.23
CA GLU A 27 27.23 -11.22 13.44
C GLU A 27 26.39 -10.16 12.74
N ASP A 28 26.37 -8.93 13.26
CA ASP A 28 25.59 -7.93 12.55
C ASP A 28 26.50 -7.33 11.49
N MET A 29 25.97 -6.42 10.67
CA MET A 29 26.74 -5.85 9.58
C MET A 29 27.90 -4.97 10.01
N TYR A 30 28.05 -4.76 11.31
CA TYR A 30 29.16 -3.96 11.82
C TYR A 30 30.21 -4.88 12.45
N GLY A 31 29.91 -6.17 12.49
CA GLY A 31 30.84 -7.12 13.05
C GLY A 31 30.55 -7.57 14.47
N ASN A 32 29.54 -6.99 15.10
CA ASN A 32 29.21 -7.37 16.48
C ASN A 32 28.48 -8.70 16.55
N GLU A 33 28.75 -9.47 17.59
CA GLU A 33 28.10 -10.74 17.79
C GLU A 33 26.60 -10.49 18.02
N PHE A 34 25.77 -11.38 17.47
CA PHE A 34 24.32 -11.26 17.65
C PHE A 34 23.77 -12.68 17.76
N THR A 35 23.21 -13.01 18.92
CA THR A 35 22.66 -14.34 19.13
C THR A 35 21.21 -14.21 19.53
N GLU A 36 20.56 -15.34 19.83
CA GLU A 36 19.16 -15.27 20.21
C GLU A 36 18.99 -14.50 21.51
N LYS A 37 20.08 -14.35 22.25
CA LYS A 37 20.04 -13.59 23.51
C LYS A 37 19.79 -12.11 23.26
N ASN A 38 20.11 -11.64 22.05
CA ASN A 38 19.90 -10.24 21.71
C ASN A 38 18.44 -9.94 21.39
N LEU A 39 17.59 -10.96 21.42
CA LEU A 39 16.16 -10.77 21.15
C LEU A 39 15.44 -10.44 22.45
N LEU A 40 16.08 -10.73 23.57
CA LEU A 40 15.49 -10.50 24.88
C LEU A 40 15.28 -9.03 25.22
N GLY A 41 14.16 -8.74 25.88
CA GLY A 41 13.86 -7.38 26.29
C GLY A 41 13.21 -6.47 25.27
N LYS A 42 12.82 -7.00 24.12
CA LYS A 42 12.19 -6.16 23.11
C LYS A 42 11.44 -6.96 22.07
N PHE A 43 10.60 -6.27 21.31
CA PHE A 43 9.84 -6.92 20.24
C PHE A 43 10.71 -6.81 19.02
N SER A 44 11.01 -7.95 18.40
CA SER A 44 11.85 -7.97 17.22
C SER A 44 11.04 -8.48 16.04
N ILE A 45 11.40 -8.01 14.85
CA ILE A 45 10.73 -8.46 13.65
C ILE A 45 11.85 -8.90 12.70
N ILE A 46 11.81 -10.16 12.33
CA ILE A 46 12.84 -10.76 11.50
C ILE A 46 12.39 -11.09 10.08
N TYR A 47 13.25 -10.77 9.13
CA TYR A 47 12.96 -11.07 7.73
C TYR A 47 14.17 -11.76 7.12
N PHE A 48 13.93 -12.91 6.49
CA PHE A 48 14.98 -13.68 5.84
C PHE A 48 14.94 -13.37 4.34
N GLY A 49 16.09 -13.07 3.75
CA GLY A 49 16.15 -12.80 2.33
C GLY A 49 17.61 -12.71 1.90
N PHE A 50 17.89 -12.09 0.76
CA PHE A 50 19.28 -11.93 0.32
C PHE A 50 19.39 -10.71 -0.59
N SER A 51 20.55 -10.06 -0.56
CA SER A 51 20.76 -8.85 -1.35
C SER A 51 20.56 -8.97 -2.85
N ASN A 52 20.82 -10.15 -3.41
CA ASN A 52 20.65 -10.34 -4.84
C ASN A 52 19.26 -10.83 -5.24
N CYS A 53 18.30 -10.71 -4.33
CA CYS A 53 16.92 -11.14 -4.58
C CYS A 53 16.20 -10.10 -5.45
N PRO A 54 15.60 -10.53 -6.55
CA PRO A 54 14.89 -9.57 -7.41
C PRO A 54 13.42 -9.40 -7.01
N ASP A 55 13.00 -8.14 -6.88
CA ASP A 55 11.61 -7.80 -6.56
C ASP A 55 11.11 -8.10 -5.14
N ILE A 56 10.96 -9.39 -4.80
CA ILE A 56 10.44 -9.78 -3.50
C ILE A 56 11.11 -9.13 -2.29
N CYS A 57 12.30 -9.34 -2.10
N CYS A 57 12.29 -9.32 -2.11
CA CYS A 57 12.97 -8.81 -0.93
CA CYS A 57 12.96 -8.83 -0.91
C CYS A 57 12.96 -7.28 -0.84
C CYS A 57 12.96 -7.31 -0.86
N PRO A 58 13.31 -6.55 -1.95
CA PRO A 58 13.20 -5.09 -1.91
C PRO A 58 11.79 -4.61 -1.56
N ASP A 59 10.79 -5.26 -2.14
CA ASP A 59 9.39 -4.89 -1.87
C ASP A 59 9.03 -5.12 -0.40
N GLU A 60 9.52 -6.23 0.17
CA GLU A 60 9.23 -6.55 1.57
C GLU A 60 9.91 -5.56 2.50
N LEU A 61 11.18 -5.26 2.23
CA LEU A 61 11.92 -4.32 3.06
C LEU A 61 11.30 -2.94 2.97
N ASP A 62 10.75 -2.59 1.80
CA ASP A 62 10.10 -1.28 1.65
C ASP A 62 8.87 -1.26 2.55
N LYS A 63 8.08 -2.33 2.51
CA LYS A 63 6.89 -2.42 3.33
C LYS A 63 7.24 -2.32 4.80
N LEU A 64 8.32 -2.99 5.20
CA LEU A 64 8.77 -2.97 6.59
C LEU A 64 9.10 -1.55 7.03
N GLY A 65 9.73 -0.77 6.15
CA GLY A 65 10.07 0.60 6.48
C GLY A 65 8.81 1.42 6.74
N LEU A 66 7.77 1.17 5.96
CA LEU A 66 6.51 1.89 6.15
C LEU A 66 5.94 1.53 7.51
N TRP A 67 5.98 0.25 7.84
CA TRP A 67 5.47 -0.24 9.12
C TRP A 67 6.22 0.40 10.29
N LEU A 68 7.55 0.35 10.25
CA LEU A 68 8.36 0.92 11.32
C LEU A 68 8.05 2.39 11.58
N ASN A 69 7.97 3.18 10.51
CA ASN A 69 7.69 4.61 10.67
C ASN A 69 6.29 4.88 11.20
N THR A 70 5.31 4.09 10.77
CA THR A 70 3.95 4.27 11.25
C THR A 70 3.89 3.86 12.71
N LEU A 71 4.57 2.77 13.05
CA LEU A 71 4.58 2.28 14.42
C LEU A 71 5.15 3.30 15.41
N SER A 72 6.29 3.88 15.06
CA SER A 72 6.90 4.85 15.94
C SER A 72 6.15 6.19 15.99
N SER A 73 5.77 6.71 14.84
CA SER A 73 5.07 8.00 14.80
C SER A 73 3.64 7.98 15.34
N LYS A 74 2.86 6.96 14.98
CA LYS A 74 1.48 6.90 15.43
C LYS A 74 1.21 6.17 16.75
N TYR A 75 2.06 5.22 17.11
CA TYR A 75 1.86 4.47 18.34
C TYR A 75 3.02 4.50 19.33
N GLY A 76 4.10 5.17 18.95
CA GLY A 76 5.26 5.25 19.82
C GLY A 76 5.85 3.87 20.11
N ILE A 77 5.74 2.98 19.14
CA ILE A 77 6.25 1.63 19.27
C ILE A 77 7.57 1.54 18.49
N THR A 78 8.59 0.97 19.13
CA THR A 78 9.89 0.80 18.50
C THR A 78 10.26 -0.68 18.47
N LEU A 79 10.42 -1.24 17.28
CA LEU A 79 10.79 -2.64 17.16
C LEU A 79 12.28 -2.77 16.84
N GLN A 80 12.77 -4.01 16.94
CA GLN A 80 14.16 -4.33 16.61
C GLN A 80 14.06 -5.08 15.29
N PRO A 81 14.18 -4.37 14.15
CA PRO A 81 14.09 -5.01 12.84
C PRO A 81 15.41 -5.65 12.44
N LEU A 82 15.32 -6.92 12.01
CA LEU A 82 16.51 -7.67 11.63
C LEU A 82 16.35 -8.30 10.26
N PHE A 83 17.38 -8.12 9.42
CA PHE A 83 17.40 -8.70 8.09
C PHE A 83 18.46 -9.78 8.12
N ILE A 84 18.04 -11.04 8.03
CA ILE A 84 19.00 -12.14 8.05
C ILE A 84 19.17 -12.69 6.66
N THR A 85 20.41 -12.73 6.17
CA THR A 85 20.66 -13.24 4.83
C THR A 85 20.66 -14.76 4.80
N CYS A 86 20.21 -15.27 3.64
N CYS A 86 20.18 -15.27 3.66
CA CYS A 86 20.19 -16.72 3.41
CA CYS A 86 20.20 -16.70 3.39
C CYS A 86 21.26 -17.03 2.38
C CYS A 86 21.28 -17.06 2.37
N ASP A 87 22.09 -16.07 2.06
CA ASP A 87 23.15 -16.23 1.07
C ASP A 87 24.48 -15.75 1.66
N PRO A 88 25.03 -16.52 2.62
CA PRO A 88 26.29 -16.21 3.28
C PRO A 88 27.49 -16.11 2.35
N ALA A 89 27.38 -16.69 1.16
CA ALA A 89 28.47 -16.68 0.20
C ALA A 89 28.78 -15.29 -0.32
N ARG A 90 27.73 -14.50 -0.56
CA ARG A 90 27.87 -13.16 -1.10
C ARG A 90 27.53 -12.01 -0.15
N ASP A 91 26.60 -12.26 0.76
CA ASP A 91 26.17 -11.21 1.69
C ASP A 91 27.02 -11.02 2.93
N SER A 92 28.20 -10.44 2.71
CA SER A 92 29.15 -10.15 3.77
C SER A 92 28.65 -8.91 4.50
N PRO A 93 29.28 -8.57 5.63
CA PRO A 93 28.81 -7.38 6.35
C PRO A 93 28.82 -6.13 5.47
N ALA A 94 29.85 -5.94 4.64
CA ALA A 94 29.91 -4.77 3.77
C ALA A 94 28.80 -4.75 2.73
N VAL A 95 28.51 -5.90 2.15
CA VAL A 95 27.44 -6.00 1.16
C VAL A 95 26.08 -5.68 1.78
N LEU A 96 25.85 -6.15 3.00
CA LEU A 96 24.58 -5.86 3.66
C LEU A 96 24.46 -4.39 4.01
N LYS A 97 25.56 -3.77 4.43
CA LYS A 97 25.52 -2.35 4.76
C LYS A 97 25.12 -1.54 3.53
N GLU A 98 25.70 -1.87 2.39
CA GLU A 98 25.39 -1.15 1.16
C GLU A 98 23.95 -1.41 0.70
N TYR A 99 23.53 -2.67 0.75
CA TYR A 99 22.17 -3.04 0.35
C TYR A 99 21.14 -2.33 1.22
N LEU A 100 21.33 -2.37 2.53
CA LEU A 100 20.39 -1.75 3.45
C LEU A 100 20.40 -0.23 3.50
N SER A 101 21.42 0.38 2.90
CA SER A 101 21.50 1.83 2.90
C SER A 101 20.32 2.43 2.13
N ASP A 102 19.65 1.61 1.32
CA ASP A 102 18.51 2.06 0.54
C ASP A 102 17.19 1.82 1.27
N PHE A 103 17.26 1.36 2.52
CA PHE A 103 16.04 1.08 3.29
C PHE A 103 16.05 1.76 4.66
N HIS A 104 15.02 1.50 5.46
CA HIS A 104 14.90 2.10 6.78
C HIS A 104 16.20 1.86 7.56
N PRO A 105 16.77 2.95 8.11
CA PRO A 105 18.02 2.92 8.88
C PRO A 105 18.04 2.03 10.12
N SER A 106 16.87 1.70 10.67
CA SER A 106 16.81 0.86 11.86
C SER A 106 17.03 -0.62 11.58
N ILE A 107 16.85 -1.01 10.32
CA ILE A 107 17.03 -2.41 9.95
C ILE A 107 18.49 -2.81 10.10
N LEU A 108 18.72 -3.88 10.85
CA LEU A 108 20.08 -4.36 11.07
C LEU A 108 20.29 -5.65 10.33
N GLY A 109 21.31 -5.69 9.48
CA GLY A 109 21.61 -6.89 8.73
C GLY A 109 22.45 -7.87 9.53
N LEU A 110 22.09 -9.15 9.46
CA LEU A 110 22.83 -10.19 10.17
C LEU A 110 23.34 -11.22 9.17
N THR A 111 24.54 -11.70 9.39
CA THR A 111 25.12 -12.71 8.50
C THR A 111 26.10 -13.54 9.32
N GLY A 112 26.81 -14.43 8.63
CA GLY A 112 27.77 -15.28 9.34
C GLY A 112 28.34 -16.31 8.41
N THR A 113 28.88 -17.38 8.97
CA THR A 113 29.44 -18.45 8.17
C THR A 113 28.28 -19.28 7.63
N PHE A 114 28.57 -20.16 6.67
CA PHE A 114 27.52 -21.01 6.10
C PHE A 114 26.83 -21.78 7.22
N ASP A 115 27.63 -22.36 8.11
CA ASP A 115 27.09 -23.13 9.22
C ASP A 115 26.17 -22.33 10.14
N GLU A 116 26.60 -21.12 10.49
CA GLU A 116 25.79 -20.27 11.37
C GLU A 116 24.48 -19.86 10.69
N VAL A 117 24.56 -19.48 9.42
CA VAL A 117 23.37 -19.06 8.69
C VAL A 117 22.42 -20.24 8.47
N LYS A 118 22.99 -21.39 8.10
CA LYS A 118 22.20 -22.60 7.87
C LYS A 118 21.40 -22.93 9.13
N ASN A 119 22.04 -22.81 10.28
CA ASN A 119 21.36 -23.11 11.54
C ASN A 119 20.22 -22.12 11.79
N ALA A 120 20.48 -20.83 11.60
CA ALA A 120 19.45 -19.83 11.82
C ALA A 120 18.24 -20.10 10.93
N CYS A 121 18.50 -20.41 9.67
CA CYS A 121 17.42 -20.70 8.73
C CYS A 121 16.65 -21.93 9.18
N LYS A 122 17.35 -22.93 9.69
CA LYS A 122 16.71 -24.15 10.15
C LYS A 122 15.78 -23.89 11.35
N LYS A 123 16.26 -23.08 12.28
CA LYS A 123 15.48 -22.75 13.46
C LYS A 123 14.17 -22.04 13.15
N TYR A 124 14.15 -21.28 12.06
CA TYR A 124 12.94 -20.57 11.66
C TYR A 124 12.21 -21.28 10.53
N ARG A 125 12.69 -22.49 10.23
CA ARG A 125 12.12 -23.33 9.18
C ARG A 125 12.01 -22.63 7.83
N VAL A 126 13.07 -21.92 7.45
CA VAL A 126 13.08 -21.22 6.18
C VAL A 126 13.81 -22.05 5.13
N LEU A 141 14.88 -19.86 -2.88
CA LEU A 141 15.02 -18.80 -1.90
C LEU A 141 14.06 -17.62 -2.03
N VAL A 142 13.82 -17.15 -3.25
CA VAL A 142 12.93 -16.01 -3.46
C VAL A 142 11.48 -16.32 -3.07
N ASP A 143 10.99 -17.49 -3.47
CA ASP A 143 9.63 -17.91 -3.18
C ASP A 143 9.33 -18.11 -1.69
N HIS A 144 10.37 -18.31 -0.89
CA HIS A 144 10.18 -18.53 0.54
C HIS A 144 10.65 -17.39 1.46
N SER A 145 11.12 -16.30 0.86
CA SER A 145 11.54 -15.13 1.63
C SER A 145 10.31 -14.24 1.67
N ILE A 146 9.22 -14.78 2.23
CA ILE A 146 7.96 -14.07 2.26
C ILE A 146 7.32 -13.75 3.61
N PHE A 147 7.88 -14.23 4.72
CA PHE A 147 7.28 -13.92 6.02
C PHE A 147 8.14 -13.03 6.89
N PHE A 148 7.48 -12.28 7.77
CA PHE A 148 8.17 -11.46 8.77
C PHE A 148 7.85 -12.23 10.05
N TYR A 149 8.85 -12.48 10.88
CA TYR A 149 8.65 -13.20 12.13
C TYR A 149 8.72 -12.25 13.31
N LEU A 150 7.61 -12.14 14.04
CA LEU A 150 7.55 -11.26 15.19
C LEU A 150 7.89 -12.04 16.44
N MET A 151 8.93 -11.60 17.17
CA MET A 151 9.36 -12.29 18.38
C MET A 151 9.16 -11.37 19.58
N ASP A 152 8.60 -11.90 20.67
CA ASP A 152 8.36 -11.07 21.85
C ASP A 152 9.60 -10.87 22.73
N PRO A 153 9.48 -10.01 23.76
CA PRO A 153 10.59 -9.72 24.68
C PRO A 153 11.22 -10.92 25.37
N GLU A 154 10.57 -12.09 25.29
CA GLU A 154 11.12 -13.29 25.90
C GLU A 154 11.74 -14.16 24.82
N GLY A 155 11.84 -13.61 23.61
CA GLY A 155 12.43 -14.33 22.50
C GLY A 155 11.55 -15.40 21.89
N GLN A 156 10.26 -15.34 22.18
CA GLN A 156 9.31 -16.33 21.68
C GLN A 156 8.58 -15.85 20.42
N PHE A 157 8.34 -16.79 19.51
CA PHE A 157 7.62 -16.49 18.28
C PHE A 157 6.17 -16.25 18.63
N VAL A 158 5.63 -15.12 18.18
CA VAL A 158 4.23 -14.84 18.47
C VAL A 158 3.38 -14.72 17.22
N ASP A 159 3.99 -14.43 16.08
CA ASP A 159 3.24 -14.30 14.84
C ASP A 159 4.09 -14.08 13.61
N ALA A 160 3.58 -14.52 12.47
CA ALA A 160 4.28 -14.35 11.20
C ALA A 160 3.38 -13.51 10.30
N LEU A 161 3.95 -12.51 9.65
CA LEU A 161 3.16 -11.66 8.78
C LEU A 161 3.57 -11.94 7.34
N GLY A 162 2.64 -12.53 6.60
CA GLY A 162 2.87 -12.85 5.21
C GLY A 162 2.58 -11.69 4.28
N ARG A 163 2.62 -11.95 2.97
CA ARG A 163 2.38 -10.91 2.01
C ARG A 163 0.94 -10.42 1.94
N ASN A 164 0.04 -11.13 2.61
CA ASN A 164 -1.35 -10.72 2.60
C ASN A 164 -1.62 -9.57 3.55
N TYR A 165 -0.59 -9.17 4.31
CA TYR A 165 -0.72 -8.02 5.19
C TYR A 165 -0.16 -6.84 4.40
N ASP A 166 -0.89 -5.74 4.36
CA ASP A 166 -0.44 -4.56 3.63
C ASP A 166 0.11 -3.52 4.59
N GLU A 167 0.44 -2.34 4.06
CA GLU A 167 1.00 -1.26 4.87
C GLU A 167 0.17 -0.88 6.10
N LYS A 168 -1.13 -1.15 6.07
CA LYS A 168 -2.00 -0.82 7.19
C LYS A 168 -2.36 -1.98 8.12
N THR A 169 -2.80 -3.09 7.55
CA THR A 169 -3.18 -4.24 8.38
C THR A 169 -2.00 -4.85 9.12
N GLY A 170 -0.80 -4.72 8.56
CA GLY A 170 0.38 -5.25 9.22
C GLY A 170 0.63 -4.47 10.50
N VAL A 171 0.49 -3.16 10.42
CA VAL A 171 0.69 -2.33 11.59
C VAL A 171 -0.33 -2.68 12.67
N ASP A 172 -1.59 -2.85 12.28
CA ASP A 172 -2.65 -3.17 13.23
C ASP A 172 -2.34 -4.44 14.03
N LYS A 173 -1.84 -5.46 13.33
CA LYS A 173 -1.50 -6.74 13.95
C LYS A 173 -0.35 -6.62 14.94
N ILE A 174 0.67 -5.86 14.57
CA ILE A 174 1.82 -5.68 15.45
C ILE A 174 1.40 -4.91 16.70
N VAL A 175 0.65 -3.83 16.53
CA VAL A 175 0.19 -3.04 17.66
C VAL A 175 -0.55 -3.92 18.66
N GLU A 176 -1.45 -4.75 18.16
CA GLU A 176 -2.24 -5.67 18.99
C GLU A 176 -1.33 -6.52 19.90
N HIS A 177 -0.28 -7.08 19.31
CA HIS A 177 0.66 -7.92 20.06
C HIS A 177 1.47 -7.14 21.09
N VAL A 178 1.97 -5.98 20.70
CA VAL A 178 2.79 -5.16 21.60
C VAL A 178 2.00 -4.63 22.78
N LYS A 179 0.83 -4.07 22.51
CA LYS A 179 0.02 -3.49 23.57
C LYS A 179 -0.62 -4.50 24.52
N SER A 180 -0.82 -5.73 24.06
CA SER A 180 -1.43 -6.74 24.92
C SER A 180 -0.39 -7.61 25.61
N TYR A 181 0.88 -7.40 25.29
CA TYR A 181 1.95 -8.20 25.89
C TYR A 181 2.07 -8.04 27.40
N VAL A 182 2.31 -9.17 28.06
CA VAL A 182 2.49 -9.22 29.51
C VAL A 182 3.58 -10.27 29.77
N PRO A 183 4.60 -9.93 30.56
CA PRO A 183 5.67 -10.88 30.87
C PRO A 183 5.21 -12.13 31.62
N ALA A 184 6.06 -13.16 31.61
CA ALA A 184 5.77 -14.42 32.27
C ALA A 184 5.17 -14.21 33.67
N PRO B 18 18.02 9.98 10.44
CA PRO B 18 16.65 9.88 11.01
C PRO B 18 15.84 8.79 10.28
N SER B 19 14.78 8.31 10.92
CA SER B 19 13.94 7.25 10.35
C SER B 19 13.33 7.71 9.02
N LEU B 20 13.22 9.02 8.85
CA LEU B 20 12.72 9.62 7.62
C LEU B 20 13.43 10.97 7.54
N GLY B 21 13.85 11.34 6.34
CA GLY B 21 14.55 12.60 6.18
C GLY B 21 16.05 12.33 6.14
N GLY B 22 16.84 13.38 6.28
CA GLY B 22 18.28 13.21 6.25
C GLY B 22 18.96 14.43 5.69
N PRO B 23 20.26 14.34 5.37
CA PRO B 23 20.96 15.51 4.83
C PRO B 23 20.43 15.98 3.48
N PHE B 24 20.40 17.30 3.31
CA PHE B 24 19.96 17.92 2.06
C PHE B 24 20.58 19.31 2.02
N HIS B 25 20.72 19.85 0.82
CA HIS B 25 21.32 21.17 0.66
C HIS B 25 20.49 21.95 -0.36
N LEU B 26 19.80 22.98 0.13
CA LEU B 26 18.95 23.81 -0.71
C LEU B 26 19.27 25.28 -0.45
N GLU B 27 18.40 26.16 -0.95
CA GLU B 27 18.55 27.60 -0.75
C GLU B 27 17.16 28.13 -0.44
N ASP B 28 17.05 29.11 0.45
CA ASP B 28 15.74 29.66 0.75
C ASP B 28 15.37 30.69 -0.31
N MET B 29 14.16 31.22 -0.25
CA MET B 29 13.70 32.17 -1.24
C MET B 29 14.45 33.50 -1.22
N TYR B 30 15.39 33.64 -0.29
CA TYR B 30 16.19 34.86 -0.18
C TYR B 30 17.60 34.57 -0.71
N GLY B 31 17.82 33.34 -1.13
CA GLY B 31 19.12 32.96 -1.66
C GLY B 31 20.07 32.38 -0.64
N ASN B 32 19.67 32.40 0.63
CA ASN B 32 20.51 31.86 1.69
C ASN B 32 20.55 30.34 1.60
N GLU B 33 21.69 29.77 1.98
CA GLU B 33 21.85 28.33 1.98
C GLU B 33 21.00 27.78 3.11
N PHE B 34 20.43 26.60 2.91
CA PHE B 34 19.60 25.98 3.93
C PHE B 34 19.83 24.47 3.86
N THR B 35 20.33 23.90 4.97
CA THR B 35 20.60 22.47 5.02
C THR B 35 19.86 21.82 6.18
N GLU B 36 20.04 20.52 6.38
CA GLU B 36 19.35 19.84 7.46
C GLU B 36 19.80 20.41 8.80
N LYS B 37 20.96 21.06 8.82
CA LYS B 37 21.47 21.67 10.04
C LYS B 37 20.55 22.80 10.46
N ASN B 38 19.86 23.40 9.50
CA ASN B 38 18.95 24.49 9.79
C ASN B 38 17.67 24.01 10.48
N LEU B 39 17.49 22.69 10.61
CA LEU B 39 16.30 22.15 11.26
C LEU B 39 16.51 22.09 12.77
N LEU B 40 17.77 22.02 13.19
CA LEU B 40 18.14 21.92 14.59
C LEU B 40 17.76 23.12 15.47
N GLY B 41 17.34 22.84 16.69
CA GLY B 41 16.99 23.92 17.61
C GLY B 41 15.52 24.28 17.70
N LYS B 42 14.69 23.73 16.81
CA LYS B 42 13.27 24.03 16.87
C LYS B 42 12.40 23.00 16.16
N PHE B 43 11.08 23.15 16.29
CA PHE B 43 10.16 22.24 15.64
C PHE B 43 9.87 22.75 14.24
N SER B 44 10.11 21.91 13.25
CA SER B 44 9.89 22.29 11.86
C SER B 44 8.76 21.47 11.26
N ILE B 45 7.99 22.08 10.39
CA ILE B 45 6.91 21.39 9.70
C ILE B 45 7.17 21.70 8.21
N ILE B 46 7.37 20.62 7.45
CA ILE B 46 7.72 20.71 6.03
C ILE B 46 6.61 20.25 5.09
N TYR B 47 6.45 20.98 3.99
CA TYR B 47 5.45 20.61 3.00
C TYR B 47 6.13 20.66 1.64
N PHE B 48 5.93 19.60 0.87
CA PHE B 48 6.48 19.47 -0.47
C PHE B 48 5.39 19.77 -1.50
N GLY B 49 5.46 20.94 -2.13
CA GLY B 49 4.48 21.30 -3.14
C GLY B 49 5.12 22.08 -4.26
N PHE B 50 4.34 22.92 -4.95
CA PHE B 50 4.88 23.76 -6.03
C PHE B 50 3.99 24.97 -6.27
N SER B 51 4.58 26.07 -6.73
CA SER B 51 3.87 27.33 -6.96
C SER B 51 2.76 27.31 -7.99
N ASN B 52 2.84 26.43 -8.97
CA ASN B 52 1.80 26.38 -9.98
C ASN B 52 0.70 25.40 -9.63
N CYS B 53 0.45 25.30 -8.33
CA CYS B 53 -0.60 24.46 -7.78
C CYS B 53 -1.62 25.45 -7.23
N PRO B 54 -2.75 25.64 -7.94
CA PRO B 54 -3.78 26.59 -7.49
C PRO B 54 -4.84 26.08 -6.51
N ASP B 55 -4.96 24.76 -6.35
CA ASP B 55 -5.98 24.21 -5.45
C ASP B 55 -5.47 23.50 -4.20
N ILE B 56 -4.96 22.28 -4.38
CA ILE B 56 -4.46 21.46 -3.28
C ILE B 56 -3.48 22.16 -2.35
N CYS B 57 -2.40 22.71 -2.91
CA CYS B 57 -1.39 23.39 -2.10
C CYS B 57 -1.94 24.61 -1.37
N PRO B 58 -2.73 25.45 -2.05
CA PRO B 58 -3.25 26.63 -1.36
C PRO B 58 -4.12 26.22 -0.16
N ASP B 59 -4.96 25.21 -0.35
CA ASP B 59 -5.82 24.73 0.72
C ASP B 59 -4.99 24.22 1.89
N GLU B 60 -3.92 23.48 1.59
CA GLU B 60 -3.05 22.94 2.64
C GLU B 60 -2.29 24.07 3.33
N LEU B 61 -1.81 25.02 2.55
CA LEU B 61 -1.08 26.15 3.11
C LEU B 61 -2.00 27.02 3.97
N ASP B 62 -3.26 27.15 3.56
CA ASP B 62 -4.21 27.94 4.35
C ASP B 62 -4.39 27.24 5.68
N LYS B 63 -4.63 25.92 5.63
CA LYS B 63 -4.80 25.15 6.87
C LYS B 63 -3.56 25.32 7.72
N LEU B 64 -2.39 25.27 7.08
CA LEU B 64 -1.12 25.42 7.79
C LEU B 64 -1.08 26.77 8.48
N GLY B 65 -1.63 27.79 7.81
CA GLY B 65 -1.63 29.13 8.39
C GLY B 65 -2.47 29.16 9.65
N LEU B 66 -3.64 28.53 9.60
CA LEU B 66 -4.53 28.48 10.76
C LEU B 66 -3.82 27.78 11.91
N TRP B 67 -3.16 26.66 11.62
CA TRP B 67 -2.44 25.93 12.66
C TRP B 67 -1.40 26.83 13.32
N LEU B 68 -0.60 27.49 12.50
CA LEU B 68 0.47 28.36 12.98
C LEU B 68 -0.04 29.44 13.94
N ASN B 69 -1.16 30.07 13.60
CA ASN B 69 -1.71 31.13 14.45
C ASN B 69 -2.37 30.59 15.71
N THR B 70 -2.96 29.40 15.63
CA THR B 70 -3.60 28.81 16.80
C THR B 70 -2.50 28.35 17.75
N LEU B 71 -1.47 27.73 17.19
CA LEU B 71 -0.33 27.24 17.97
C LEU B 71 0.42 28.37 18.65
N SER B 72 0.63 29.47 17.95
CA SER B 72 1.35 30.60 18.49
C SER B 72 0.54 31.42 19.50
N SER B 73 -0.75 31.57 19.23
CA SER B 73 -1.62 32.35 20.09
C SER B 73 -2.15 31.63 21.33
N LYS B 74 -2.36 30.32 21.23
CA LYS B 74 -2.90 29.56 22.34
C LYS B 74 -1.93 28.69 23.15
N TYR B 75 -0.85 28.23 22.52
CA TYR B 75 0.09 27.38 23.24
C TYR B 75 1.50 27.93 23.28
N GLY B 76 1.72 29.08 22.65
CA GLY B 76 3.04 29.67 22.63
C GLY B 76 4.03 28.84 21.83
N ILE B 77 3.51 28.08 20.87
CA ILE B 77 4.37 27.24 20.03
C ILE B 77 4.60 27.91 18.68
N THR B 78 5.87 28.08 18.34
CA THR B 78 6.24 28.68 17.06
C THR B 78 7.02 27.66 16.26
N LEU B 79 6.42 27.18 15.18
CA LEU B 79 7.04 26.18 14.32
C LEU B 79 7.81 26.87 13.20
N GLN B 80 8.77 26.14 12.62
CA GLN B 80 9.52 26.66 11.49
C GLN B 80 8.88 25.99 10.28
N PRO B 81 7.97 26.70 9.60
CA PRO B 81 7.27 26.20 8.41
C PRO B 81 8.12 26.31 7.16
N LEU B 82 8.29 25.18 6.47
CA LEU B 82 9.11 25.13 5.27
C LEU B 82 8.30 24.59 4.11
N PHE B 83 8.40 25.28 2.98
CA PHE B 83 7.71 24.88 1.76
C PHE B 83 8.82 24.54 0.77
N ILE B 84 8.97 23.26 0.47
CA ILE B 84 10.01 22.83 -0.47
C ILE B 84 9.37 22.57 -1.82
N THR B 85 9.86 23.24 -2.86
CA THR B 85 9.28 23.03 -4.17
C THR B 85 9.74 21.76 -4.85
N CYS B 86 8.78 21.09 -5.51
CA CYS B 86 9.07 19.86 -6.23
C CYS B 86 9.13 20.20 -7.73
N ASP B 87 9.14 21.49 -8.03
CA ASP B 87 9.21 21.97 -9.42
C ASP B 87 10.30 23.06 -9.48
N PRO B 88 11.55 22.68 -9.20
CA PRO B 88 12.64 23.67 -9.25
C PRO B 88 12.80 24.36 -10.60
N ALA B 89 12.33 23.73 -11.67
CA ALA B 89 12.45 24.32 -13.00
C ALA B 89 11.76 25.68 -13.07
N ARG B 90 10.58 25.79 -12.46
CA ARG B 90 9.84 27.05 -12.50
C ARG B 90 9.88 27.83 -11.19
N ASP B 91 10.06 27.14 -10.08
CA ASP B 91 10.04 27.80 -8.77
C ASP B 91 11.37 28.39 -8.31
N SER B 92 11.73 29.50 -8.92
CA SER B 92 12.94 30.25 -8.60
C SER B 92 12.66 30.96 -7.29
N PRO B 93 13.71 31.49 -6.63
CA PRO B 93 13.48 32.19 -5.37
C PRO B 93 12.43 33.28 -5.51
N ALA B 94 12.49 34.02 -6.62
CA ALA B 94 11.54 35.10 -6.87
C ALA B 94 10.10 34.60 -7.00
N VAL B 95 9.91 33.53 -7.75
CA VAL B 95 8.58 32.95 -7.95
C VAL B 95 8.05 32.45 -6.59
N LEU B 96 8.92 31.88 -5.78
CA LEU B 96 8.49 31.39 -4.47
C LEU B 96 8.05 32.54 -3.56
N LYS B 97 8.82 33.62 -3.54
CA LYS B 97 8.46 34.77 -2.72
C LYS B 97 7.07 35.25 -3.10
N GLU B 98 6.87 35.45 -4.40
CA GLU B 98 5.59 35.91 -4.94
C GLU B 98 4.46 34.95 -4.58
N TYR B 99 4.68 33.66 -4.78
CA TYR B 99 3.66 32.66 -4.49
C TYR B 99 3.25 32.64 -3.03
N LEU B 100 4.25 32.61 -2.14
CA LEU B 100 3.98 32.55 -0.71
C LEU B 100 3.48 33.86 -0.11
N SER B 101 3.48 34.94 -0.89
CA SER B 101 3.01 36.22 -0.39
C SER B 101 1.51 36.20 -0.07
N ASP B 102 0.81 35.19 -0.56
CA ASP B 102 -0.63 35.10 -0.29
C ASP B 102 -0.92 34.15 0.87
N PHE B 103 0.12 33.72 1.56
CA PHE B 103 -0.04 32.79 2.69
C PHE B 103 0.68 33.27 3.93
N HIS B 104 0.60 32.49 5.01
CA HIS B 104 1.24 32.88 6.26
C HIS B 104 2.65 33.40 6.02
N PRO B 105 2.96 34.62 6.52
CA PRO B 105 4.27 35.25 6.37
C PRO B 105 5.47 34.53 6.98
N SER B 106 5.23 33.57 7.80
N SER B 106 5.23 33.58 7.80
CA SER B 106 6.36 32.87 8.39
CA SER B 106 6.35 32.86 8.38
C SER B 106 6.79 31.69 7.53
C SER B 106 6.80 31.68 7.53
N ILE B 107 6.00 31.27 6.59
CA ILE B 107 6.38 30.17 5.71
C ILE B 107 7.60 30.53 4.87
N LEU B 108 8.64 29.70 4.94
CA LEU B 108 9.87 29.93 4.17
C LEU B 108 9.94 28.98 2.98
N GLY B 109 10.10 29.55 1.78
CA GLY B 109 10.20 28.72 0.60
C GLY B 109 11.63 28.26 0.36
N LEU B 110 11.79 27.00 -0.04
CA LEU B 110 13.11 26.42 -0.31
C LEU B 110 13.14 25.85 -1.72
N THR B 111 14.26 26.01 -2.40
CA THR B 111 14.41 25.48 -3.75
C THR B 111 15.87 25.12 -3.98
N GLY B 112 16.22 24.79 -5.22
CA GLY B 112 17.60 24.42 -5.50
C GLY B 112 17.70 23.84 -6.89
N THR B 113 18.81 23.18 -7.19
CA THR B 113 18.99 22.56 -8.50
C THR B 113 18.14 21.29 -8.51
N PHE B 114 17.96 20.69 -9.69
CA PHE B 114 17.19 19.47 -9.77
C PHE B 114 17.79 18.41 -8.85
N ASP B 115 19.12 18.26 -8.91
CA ASP B 115 19.78 17.26 -8.09
C ASP B 115 19.58 17.49 -6.59
N GLU B 116 19.63 18.74 -6.16
CA GLU B 116 19.45 19.05 -4.74
C GLU B 116 18.02 18.75 -4.28
N VAL B 117 17.05 19.12 -5.10
CA VAL B 117 15.64 18.88 -4.76
C VAL B 117 15.32 17.39 -4.82
N LYS B 118 15.88 16.71 -5.81
CA LYS B 118 15.68 15.28 -5.96
C LYS B 118 16.18 14.55 -4.73
N ASN B 119 17.35 14.96 -4.22
CA ASN B 119 17.91 14.34 -3.03
C ASN B 119 17.02 14.58 -1.81
N ALA B 120 16.55 15.81 -1.65
CA ALA B 120 15.67 16.14 -0.51
C ALA B 120 14.40 15.30 -0.57
N CYS B 121 13.86 15.15 -1.77
CA CYS B 121 12.65 14.36 -1.93
C CYS B 121 12.92 12.90 -1.57
N LYS B 122 14.06 12.37 -2.01
CA LYS B 122 14.43 10.99 -1.73
C LYS B 122 14.52 10.75 -0.23
N LYS B 123 15.17 11.67 0.49
CA LYS B 123 15.33 11.53 1.93
C LYS B 123 13.97 11.44 2.64
N TYR B 124 12.98 12.17 2.15
CA TYR B 124 11.65 12.15 2.75
C TYR B 124 10.71 11.18 2.05
N ARG B 125 11.28 10.37 1.17
CA ARG B 125 10.54 9.38 0.40
C ARG B 125 9.34 9.99 -0.34
N VAL B 126 9.60 11.14 -0.95
CA VAL B 126 8.59 11.83 -1.73
C VAL B 126 8.98 11.56 -3.18
N TYR B 127 8.04 11.06 -3.98
CA TYR B 127 8.32 10.79 -5.37
C TYR B 127 8.50 12.11 -6.11
N PHE B 128 9.58 12.21 -6.88
CA PHE B 128 9.92 13.41 -7.64
C PHE B 128 9.83 13.12 -9.13
N SER B 129 9.22 14.04 -9.88
CA SER B 129 9.08 13.88 -11.33
C SER B 129 9.72 15.08 -12.02
N THR B 130 10.24 14.87 -13.22
CA THR B 130 10.85 15.95 -13.98
C THR B 130 9.81 16.48 -14.96
N PRO B 131 9.90 17.76 -15.33
CA PRO B 131 8.94 18.33 -16.27
C PRO B 131 8.95 17.59 -17.60
N PRO B 132 7.76 17.38 -18.20
CA PRO B 132 7.72 16.68 -19.49
C PRO B 132 8.30 17.59 -20.57
N ASN B 133 8.68 17.02 -21.71
CA ASN B 133 9.26 17.80 -22.80
C ASN B 133 8.21 18.65 -23.50
N VAL B 134 7.67 19.63 -22.79
CA VAL B 134 6.66 20.51 -23.36
C VAL B 134 7.30 21.81 -23.83
N LYS B 135 6.57 22.55 -24.67
CA LYS B 135 7.06 23.82 -25.20
C LYS B 135 7.35 24.75 -24.02
N PRO B 136 8.36 25.62 -24.16
CA PRO B 136 8.68 26.54 -23.06
C PRO B 136 7.50 27.45 -22.73
N GLY B 137 7.19 27.57 -21.45
CA GLY B 137 6.09 28.41 -21.02
C GLY B 137 4.77 27.67 -20.93
N GLN B 138 4.76 26.41 -21.34
CA GLN B 138 3.54 25.60 -21.28
C GLN B 138 3.42 24.99 -19.89
N ASP B 139 2.22 25.06 -19.31
CA ASP B 139 1.99 24.53 -17.96
C ASP B 139 2.07 23.00 -17.92
N TYR B 140 2.38 22.46 -16.74
CA TYR B 140 2.49 21.01 -16.59
C TYR B 140 2.30 20.58 -15.14
N LEU B 141 1.97 19.30 -14.96
CA LEU B 141 1.74 18.74 -13.64
C LEU B 141 3.04 18.39 -12.94
N VAL B 142 3.01 18.44 -11.61
CA VAL B 142 4.17 18.15 -10.79
C VAL B 142 3.76 17.20 -9.67
N ASP B 143 4.52 16.12 -9.47
CA ASP B 143 4.21 15.19 -8.39
C ASP B 143 4.75 15.81 -7.09
N HIS B 144 4.00 15.70 -6.01
CA HIS B 144 4.44 16.25 -4.73
C HIS B 144 3.71 15.50 -3.62
N SER B 145 4.08 15.73 -2.37
CA SER B 145 3.45 15.04 -1.25
C SER B 145 2.28 15.85 -0.68
N ILE B 146 1.31 15.14 -0.08
CA ILE B 146 0.16 15.81 0.50
C ILE B 146 0.25 15.83 2.03
N PHE B 147 1.40 15.41 2.56
CA PHE B 147 1.62 15.37 4.01
C PHE B 147 2.50 16.51 4.52
N PHE B 148 2.36 16.79 5.82
CA PHE B 148 3.18 17.78 6.48
C PHE B 148 4.10 16.92 7.35
N TYR B 149 5.40 17.15 7.24
CA TYR B 149 6.37 16.38 8.00
C TYR B 149 6.89 17.15 9.19
N LEU B 150 6.55 16.69 10.39
CA LEU B 150 6.99 17.35 11.60
C LEU B 150 8.33 16.79 12.04
N MET B 151 9.33 17.66 12.14
CA MET B 151 10.68 17.27 12.55
C MET B 151 10.96 17.93 13.91
N ASP B 152 11.64 17.22 14.80
CA ASP B 152 11.93 17.76 16.13
C ASP B 152 13.23 18.57 16.18
N PRO B 153 13.48 19.28 17.30
CA PRO B 153 14.69 20.07 17.43
C PRO B 153 16.03 19.34 17.24
N GLU B 154 15.97 18.02 17.12
CA GLU B 154 17.18 17.24 16.90
C GLU B 154 17.22 16.74 15.46
N GLY B 155 16.31 17.25 14.64
CA GLY B 155 16.27 16.86 13.25
C GLY B 155 15.68 15.48 13.02
N GLN B 156 15.03 14.92 14.02
CA GLN B 156 14.43 13.60 13.91
C GLN B 156 12.98 13.64 13.44
N PHE B 157 12.58 12.62 12.71
CA PHE B 157 11.22 12.53 12.19
C PHE B 157 10.26 12.27 13.35
N VAL B 158 9.19 13.03 13.41
CA VAL B 158 8.20 12.86 14.48
C VAL B 158 6.89 12.28 13.97
N ASP B 159 6.33 12.91 12.93
CA ASP B 159 5.04 12.46 12.41
C ASP B 159 4.80 13.05 11.02
N ALA B 160 3.92 12.41 10.25
CA ALA B 160 3.54 12.87 8.92
C ALA B 160 2.04 13.10 8.99
N LEU B 161 1.62 14.36 8.92
CA LEU B 161 0.21 14.71 9.03
C LEU B 161 -0.50 14.86 7.69
N GLY B 162 -1.49 14.00 7.45
CA GLY B 162 -2.23 14.05 6.20
C GLY B 162 -3.56 14.77 6.30
N ARG B 163 -4.36 14.66 5.25
CA ARG B 163 -5.67 15.29 5.16
C ARG B 163 -6.53 15.00 6.39
N ASN B 164 -6.27 13.87 7.04
CA ASN B 164 -7.02 13.47 8.22
C ASN B 164 -7.19 14.60 9.22
N TYR B 165 -6.07 15.22 9.58
CA TYR B 165 -6.08 16.31 10.55
C TYR B 165 -6.60 17.64 9.99
N ASP B 166 -7.49 18.28 10.74
CA ASP B 166 -8.08 19.54 10.32
C ASP B 166 -7.53 20.71 11.13
N GLU B 167 -8.24 21.83 11.08
CA GLU B 167 -7.83 23.03 11.81
C GLU B 167 -7.63 22.76 13.29
N LYS B 168 -8.55 22.01 13.90
CA LYS B 168 -8.48 21.69 15.32
C LYS B 168 -7.64 20.46 15.61
N THR B 169 -7.98 19.34 14.98
CA THR B 169 -7.26 18.09 15.19
C THR B 169 -5.77 18.18 14.86
N GLY B 170 -5.44 18.99 13.87
CA GLY B 170 -4.04 19.14 13.49
C GLY B 170 -3.24 19.74 14.65
N VAL B 171 -3.80 20.75 15.28
CA VAL B 171 -3.13 21.42 16.39
C VAL B 171 -2.92 20.47 17.58
N ASP B 172 -3.95 19.70 17.91
CA ASP B 172 -3.86 18.77 19.04
C ASP B 172 -2.68 17.81 18.91
N LYS B 173 -2.54 17.20 17.75
CA LYS B 173 -1.46 16.25 17.51
C LYS B 173 -0.08 16.91 17.63
N ILE B 174 0.07 18.08 17.04
CA ILE B 174 1.35 18.79 17.11
C ILE B 174 1.64 19.09 18.59
N VAL B 175 0.67 19.66 19.28
CA VAL B 175 0.84 19.97 20.70
C VAL B 175 1.25 18.71 21.48
N GLU B 176 0.60 17.60 21.17
CA GLU B 176 0.89 16.35 21.83
C GLU B 176 2.37 16.00 21.68
N HIS B 177 2.89 16.12 20.46
CA HIS B 177 4.29 15.81 20.18
C HIS B 177 5.23 16.82 20.81
N VAL B 178 4.86 18.10 20.79
CA VAL B 178 5.69 19.13 21.39
C VAL B 178 5.80 18.86 22.89
N LYS B 179 4.67 18.57 23.52
CA LYS B 179 4.64 18.32 24.96
C LYS B 179 5.41 17.08 25.39
N SER B 180 5.49 16.08 24.51
CA SER B 180 6.21 14.85 24.84
C SER B 180 7.72 14.96 24.64
N TYR B 181 8.17 16.06 24.07
CA TYR B 181 9.59 16.25 23.83
C TYR B 181 10.21 17.12 24.92
N GLY C 16 -7.63 27.18 -13.97
CA GLY C 16 -6.64 27.14 -12.87
C GLY C 16 -5.60 26.05 -13.11
N LYS C 17 -6.05 24.80 -13.11
CA LYS C 17 -5.15 23.68 -13.34
C LYS C 17 -4.77 23.67 -14.81
N PRO C 18 -3.67 22.98 -15.17
CA PRO C 18 -3.29 22.96 -16.58
C PRO C 18 -4.44 22.48 -17.46
N SER C 19 -4.60 23.13 -18.61
CA SER C 19 -5.66 22.80 -19.55
C SER C 19 -5.42 21.47 -20.27
N LEU C 20 -5.47 20.38 -19.52
CA LEU C 20 -5.26 19.05 -20.07
C LEU C 20 -6.52 18.49 -20.70
N GLY C 21 -6.35 17.54 -21.63
CA GLY C 21 -7.49 16.95 -22.28
C GLY C 21 -7.85 17.69 -23.56
N GLY C 22 -8.82 17.14 -24.28
CA GLY C 22 -9.24 17.74 -25.53
C GLY C 22 -9.66 16.65 -26.48
N PRO C 23 -10.08 16.99 -27.70
CA PRO C 23 -10.50 15.98 -28.67
C PRO C 23 -9.42 14.96 -29.04
N PHE C 24 -9.82 13.70 -29.11
CA PHE C 24 -8.94 12.61 -29.51
C PHE C 24 -9.80 11.53 -30.12
N HIS C 25 -9.19 10.68 -30.94
CA HIS C 25 -9.90 9.63 -31.64
C HIS C 25 -9.05 8.37 -31.60
N LEU C 26 -9.51 7.36 -30.86
CA LEU C 26 -8.78 6.11 -30.74
C LEU C 26 -9.73 4.94 -30.93
N GLU C 27 -9.27 3.75 -30.58
CA GLU C 27 -10.10 2.55 -30.65
C GLU C 27 -9.85 1.78 -29.35
N ASP C 28 -10.85 1.08 -28.83
CA ASP C 28 -10.59 0.32 -27.62
C ASP C 28 -10.02 -1.03 -28.04
N MET C 29 -9.64 -1.85 -27.08
CA MET C 29 -9.02 -3.13 -27.39
C MET C 29 -9.93 -4.13 -28.07
N TYR C 30 -11.19 -3.77 -28.25
CA TYR C 30 -12.13 -4.66 -28.93
C TYR C 30 -12.41 -4.15 -30.33
N GLY C 31 -11.83 -2.99 -30.66
CA GLY C 31 -12.01 -2.42 -31.97
C GLY C 31 -13.04 -1.31 -32.08
N ASN C 32 -13.73 -1.01 -30.98
CA ASN C 32 -14.74 0.04 -31.00
C ASN C 32 -14.12 1.43 -30.96
N GLU C 33 -14.75 2.37 -31.67
CA GLU C 33 -14.26 3.74 -31.68
C GLU C 33 -14.41 4.32 -30.27
N PHE C 34 -13.43 5.12 -29.86
CA PHE C 34 -13.47 5.75 -28.55
C PHE C 34 -12.87 7.14 -28.72
N THR C 35 -13.68 8.18 -28.49
CA THR C 35 -13.21 9.55 -28.63
C THR C 35 -13.45 10.29 -27.32
N GLU C 36 -13.13 11.57 -27.28
CA GLU C 36 -13.33 12.33 -26.05
C GLU C 36 -14.82 12.38 -25.70
N LYS C 37 -15.68 12.13 -26.68
CA LYS C 37 -17.12 12.12 -26.45
C LYS C 37 -17.53 10.97 -25.52
N ASN C 38 -16.71 9.92 -25.47
CA ASN C 38 -17.02 8.78 -24.61
C ASN C 38 -16.68 9.05 -23.15
N LEU C 39 -16.16 10.24 -22.85
CA LEU C 39 -15.83 10.60 -21.48
C LEU C 39 -17.05 11.26 -20.82
N LEU C 40 -17.98 11.70 -21.66
CA LEU C 40 -19.18 12.37 -21.17
C LEU C 40 -20.12 11.48 -20.36
N GLY C 41 -20.69 12.06 -19.30
CA GLY C 41 -21.64 11.33 -18.48
C GLY C 41 -21.06 10.45 -17.38
N LYS C 42 -19.76 10.51 -17.15
CA LYS C 42 -19.17 9.69 -16.10
C LYS C 42 -17.80 10.18 -15.67
N PHE C 43 -17.33 9.68 -14.54
CA PHE C 43 -16.01 10.05 -14.05
C PHE C 43 -15.06 9.02 -14.64
N SER C 44 -14.05 9.49 -15.35
CA SER C 44 -13.09 8.60 -15.98
C SER C 44 -11.73 8.81 -15.35
N ILE C 45 -10.92 7.76 -15.33
CA ILE C 45 -9.57 7.87 -14.80
C ILE C 45 -8.68 7.29 -15.88
N ILE C 46 -7.78 8.12 -16.39
CA ILE C 46 -6.90 7.74 -17.48
C ILE C 46 -5.44 7.56 -17.08
N TYR C 47 -4.83 6.49 -17.59
CA TYR C 47 -3.42 6.23 -17.31
C TYR C 47 -2.72 5.96 -18.63
N PHE C 48 -1.62 6.67 -18.87
CA PHE C 48 -0.82 6.50 -20.08
C PHE C 48 0.37 5.61 -19.73
N GLY C 49 0.63 4.60 -20.56
CA GLY C 49 1.77 3.72 -20.33
C GLY C 49 1.93 2.80 -21.54
N PHE C 50 2.63 1.69 -21.38
CA PHE C 50 2.78 0.75 -22.49
C PHE C 50 3.03 -0.65 -21.95
N SER C 51 2.59 -1.67 -22.69
CA SER C 51 2.71 -3.06 -22.23
C SER C 51 4.12 -3.54 -21.94
N ASN C 52 5.10 -2.99 -22.64
CA ASN C 52 6.49 -3.42 -22.42
C ASN C 52 7.23 -2.59 -21.37
N CYS C 53 6.47 -1.85 -20.57
CA CYS C 53 7.06 -1.02 -19.51
C CYS C 53 7.44 -1.89 -18.31
N PRO C 54 8.69 -1.78 -17.84
CA PRO C 54 9.10 -2.59 -16.70
C PRO C 54 8.84 -1.88 -15.36
N ASP C 55 8.21 -2.61 -14.44
CA ASP C 55 7.94 -2.11 -13.09
C ASP C 55 6.88 -1.02 -12.92
N ILE C 56 7.18 0.19 -13.42
CA ILE C 56 6.26 1.32 -13.27
C ILE C 56 4.81 1.06 -13.70
N CYS C 57 4.60 0.78 -14.87
N CYS C 57 4.59 0.76 -14.85
CA CYS C 57 3.25 0.59 -15.36
CA CYS C 57 3.23 0.63 -15.36
C CYS C 57 2.48 -0.55 -14.66
C CYS C 57 2.51 -0.54 -14.68
N PRO C 58 3.09 -1.76 -14.53
CA PRO C 58 2.42 -2.83 -13.78
C PRO C 58 2.06 -2.41 -12.36
N ASP C 59 2.99 -1.73 -11.69
CA ASP C 59 2.74 -1.27 -10.32
C ASP C 59 1.59 -0.26 -10.27
N GLU C 60 1.53 0.63 -11.26
CA GLU C 60 0.46 1.64 -11.30
C GLU C 60 -0.89 0.99 -11.56
N LEU C 61 -0.94 0.06 -12.51
CA LEU C 61 -2.17 -0.62 -12.85
C LEU C 61 -2.65 -1.46 -11.65
N ASP C 62 -1.70 -2.00 -10.89
CA ASP C 62 -2.08 -2.79 -9.72
C ASP C 62 -2.74 -1.85 -8.71
N LYS C 63 -2.13 -0.69 -8.49
CA LYS C 63 -2.66 0.29 -7.56
C LYS C 63 -4.07 0.71 -7.99
N LEU C 64 -4.25 0.92 -9.29
CA LEU C 64 -5.54 1.33 -9.83
C LEU C 64 -6.61 0.27 -9.53
N GLY C 65 -6.25 -1.00 -9.66
CA GLY C 65 -7.20 -2.07 -9.37
C GLY C 65 -7.64 -2.02 -7.92
N LEU C 66 -6.72 -1.71 -7.02
CA LEU C 66 -7.06 -1.63 -5.60
C LEU C 66 -8.04 -0.47 -5.39
N TRP C 67 -7.75 0.65 -6.05
CA TRP C 67 -8.63 1.83 -5.96
C TRP C 67 -10.03 1.53 -6.45
N LEU C 68 -10.13 0.96 -7.66
CA LEU C 68 -11.42 0.63 -8.24
C LEU C 68 -12.28 -0.25 -7.34
N ASN C 69 -11.69 -1.31 -6.79
CA ASN C 69 -12.42 -2.20 -5.92
C ASN C 69 -12.85 -1.55 -4.60
N THR C 70 -12.00 -0.70 -4.05
CA THR C 70 -12.33 -0.01 -2.81
C THR C 70 -13.46 0.99 -3.10
N LEU C 71 -13.34 1.68 -4.23
CA LEU C 71 -14.35 2.67 -4.61
C LEU C 71 -15.74 2.07 -4.76
N SER C 72 -15.82 0.95 -5.49
CA SER C 72 -17.11 0.32 -5.68
C SER C 72 -17.66 -0.35 -4.43
N SER C 73 -16.83 -1.10 -3.72
CA SER C 73 -17.29 -1.80 -2.52
C SER C 73 -17.59 -0.91 -1.32
N LYS C 74 -16.73 0.07 -1.04
CA LYS C 74 -16.94 0.94 0.11
C LYS C 74 -17.76 2.21 -0.13
N TYR C 75 -17.74 2.73 -1.35
CA TYR C 75 -18.48 3.96 -1.64
C TYR C 75 -19.50 3.85 -2.76
N GLY C 76 -19.58 2.68 -3.38
CA GLY C 76 -20.54 2.50 -4.46
C GLY C 76 -20.25 3.42 -5.63
N ILE C 77 -18.97 3.73 -5.84
CA ILE C 77 -18.54 4.59 -6.92
C ILE C 77 -17.97 3.74 -8.04
N THR C 78 -18.41 4.00 -9.27
CA THR C 78 -17.92 3.27 -10.43
C THR C 78 -17.28 4.23 -11.42
N LEU C 79 -16.00 4.06 -11.69
CA LEU C 79 -15.29 4.92 -12.63
C LEU C 79 -15.14 4.23 -13.97
N GLN C 80 -14.72 5.00 -14.98
CA GLN C 80 -14.44 4.47 -16.31
C GLN C 80 -12.92 4.51 -16.42
N PRO C 81 -12.25 3.39 -16.09
CA PRO C 81 -10.79 3.34 -16.15
C PRO C 81 -10.30 3.07 -17.55
N LEU C 82 -9.36 3.89 -18.01
CA LEU C 82 -8.82 3.78 -19.36
C LEU C 82 -7.31 3.72 -19.35
N PHE C 83 -6.76 2.73 -20.08
CA PHE C 83 -5.32 2.58 -20.21
C PHE C 83 -4.99 2.95 -21.66
N ILE C 84 -4.29 4.07 -21.83
CA ILE C 84 -3.94 4.51 -23.19
C ILE C 84 -2.48 4.23 -23.43
N THR C 85 -2.17 3.49 -24.49
CA THR C 85 -0.79 3.17 -24.79
C THR C 85 -0.08 4.33 -25.47
N CYS C 86 1.24 4.40 -25.19
N CYS C 86 1.22 4.43 -25.16
CA CYS C 86 2.08 5.43 -25.79
CA CYS C 86 2.09 5.41 -25.79
C CYS C 86 3.01 4.73 -26.76
C CYS C 86 3.03 4.74 -26.79
N ASP C 87 2.76 3.48 -27.03
CA ASP C 87 3.60 2.68 -27.94
C ASP C 87 2.71 1.98 -28.97
N PRO C 88 2.13 2.75 -29.89
CA PRO C 88 1.25 2.24 -30.95
C PRO C 88 1.89 1.22 -31.88
N ALA C 89 3.22 1.19 -31.90
CA ALA C 89 3.93 0.25 -32.77
C ALA C 89 3.74 -1.20 -32.35
N ARG C 90 3.73 -1.44 -31.04
CA ARG C 90 3.59 -2.79 -30.50
C ARG C 90 2.27 -3.08 -29.79
N ASP C 91 1.68 -2.07 -29.17
CA ASP C 91 0.44 -2.26 -28.43
C ASP C 91 -0.84 -2.24 -29.23
N SER C 92 -1.04 -3.32 -29.98
CA SER C 92 -2.22 -3.50 -30.81
C SER C 92 -3.36 -3.90 -29.89
N PRO C 93 -4.59 -3.94 -30.42
CA PRO C 93 -5.71 -4.33 -29.55
C PRO C 93 -5.49 -5.70 -28.90
N ALA C 94 -4.97 -6.66 -29.65
CA ALA C 94 -4.73 -8.00 -29.08
C ALA C 94 -3.68 -7.98 -27.97
N VAL C 95 -2.61 -7.21 -28.16
CA VAL C 95 -1.57 -7.11 -27.16
C VAL C 95 -2.11 -6.48 -25.87
N LEU C 96 -2.94 -5.47 -26.01
CA LEU C 96 -3.51 -4.81 -24.83
C LEU C 96 -4.47 -5.75 -24.09
N LYS C 97 -5.25 -6.52 -24.84
CA LYS C 97 -6.17 -7.46 -24.20
C LYS C 97 -5.40 -8.46 -23.35
N GLU C 98 -4.29 -8.98 -23.90
CA GLU C 98 -3.49 -9.95 -23.15
C GLU C 98 -2.80 -9.32 -21.95
N TYR C 99 -2.24 -8.13 -22.14
CA TYR C 99 -1.56 -7.43 -21.06
C TYR C 99 -2.52 -7.11 -19.93
N LEU C 100 -3.70 -6.58 -20.26
CA LEU C 100 -4.67 -6.20 -19.24
C LEU C 100 -5.39 -7.38 -18.57
N SER C 101 -5.26 -8.58 -19.14
CA SER C 101 -5.91 -9.74 -18.55
C SER C 101 -5.36 -10.01 -17.15
N ASP C 102 -4.20 -9.45 -16.85
CA ASP C 102 -3.58 -9.63 -15.55
C ASP C 102 -3.96 -8.52 -14.56
N PHE C 103 -4.87 -7.64 -14.96
CA PHE C 103 -5.28 -6.55 -14.10
C PHE C 103 -6.80 -6.44 -13.95
N HIS C 104 -7.27 -5.43 -13.24
CA HIS C 104 -8.69 -5.25 -13.01
C HIS C 104 -9.43 -5.29 -14.34
N PRO C 105 -10.48 -6.13 -14.44
CA PRO C 105 -11.31 -6.33 -15.64
C PRO C 105 -12.01 -5.09 -16.20
N SER C 106 -12.20 -4.07 -15.36
CA SER C 106 -12.88 -2.86 -15.81
C SER C 106 -11.99 -1.94 -16.63
N ILE C 107 -10.68 -2.12 -16.52
CA ILE C 107 -9.74 -1.29 -17.27
C ILE C 107 -9.87 -1.56 -18.76
N LEU C 108 -10.08 -0.49 -19.52
CA LEU C 108 -10.22 -0.64 -20.97
C LEU C 108 -9.02 -0.06 -21.67
N GLY C 109 -8.36 -0.88 -22.49
CA GLY C 109 -7.19 -0.41 -23.20
C GLY C 109 -7.56 0.32 -24.48
N LEU C 110 -6.89 1.45 -24.73
CA LEU C 110 -7.14 2.24 -25.93
C LEU C 110 -5.86 2.36 -26.74
N THR C 111 -5.98 2.29 -28.05
CA THR C 111 -4.82 2.42 -28.91
C THR C 111 -5.27 2.98 -30.24
N GLY C 112 -4.35 3.05 -31.21
CA GLY C 112 -4.71 3.59 -32.50
C GLY C 112 -3.48 3.71 -33.37
N THR C 113 -3.58 4.56 -34.39
CA THR C 113 -2.45 4.77 -35.29
C THR C 113 -1.46 5.68 -34.57
N PHE C 114 -0.25 5.80 -35.11
CA PHE C 114 0.75 6.67 -34.51
C PHE C 114 0.19 8.08 -34.36
N ASP C 115 -0.44 8.57 -35.43
CA ASP C 115 -1.01 9.92 -35.42
C ASP C 115 -2.08 10.11 -34.34
N GLU C 116 -2.98 9.15 -34.21
CA GLU C 116 -4.04 9.25 -33.22
C GLU C 116 -3.48 9.22 -31.80
N VAL C 117 -2.52 8.32 -31.56
CA VAL C 117 -1.92 8.19 -30.24
C VAL C 117 -1.09 9.43 -29.91
N LYS C 118 -0.31 9.89 -30.88
CA LYS C 118 0.51 11.08 -30.70
C LYS C 118 -0.35 12.26 -30.28
N ASN C 119 -1.51 12.41 -30.91
CA ASN C 119 -2.41 13.50 -30.58
C ASN C 119 -2.94 13.36 -29.15
N ALA C 120 -3.36 12.15 -28.79
CA ALA C 120 -3.90 11.94 -27.45
C ALA C 120 -2.84 12.28 -26.40
N CYS C 121 -1.62 11.84 -26.63
CA CYS C 121 -0.53 12.13 -25.71
C CYS C 121 -0.28 13.63 -25.61
N LYS C 122 -0.37 14.33 -26.75
CA LYS C 122 -0.16 15.76 -26.77
C LYS C 122 -1.23 16.51 -25.97
N LYS C 123 -2.48 16.09 -26.12
CA LYS C 123 -3.59 16.71 -25.41
C LYS C 123 -3.46 16.61 -23.90
N TYR C 124 -2.84 15.55 -23.42
CA TYR C 124 -2.66 15.36 -21.98
C TYR C 124 -1.25 15.73 -21.54
N ARG C 125 -0.50 16.30 -22.47
CA ARG C 125 0.87 16.75 -22.22
C ARG C 125 1.76 15.65 -21.66
N VAL C 126 1.66 14.46 -22.24
CA VAL C 126 2.48 13.33 -21.80
C VAL C 126 3.69 13.19 -22.71
N LEU C 141 9.70 7.40 -21.80
CA LEU C 141 8.33 6.96 -21.56
C LEU C 141 8.02 6.40 -20.16
N VAL C 142 8.93 5.61 -19.60
CA VAL C 142 8.71 5.04 -18.28
C VAL C 142 8.67 6.09 -17.16
N ASP C 143 9.61 7.03 -17.20
CA ASP C 143 9.70 8.11 -16.22
C ASP C 143 8.51 9.07 -16.21
N HIS C 144 7.75 9.12 -17.30
CA HIS C 144 6.61 10.03 -17.39
C HIS C 144 5.23 9.34 -17.41
N SER C 145 5.23 8.02 -17.27
CA SER C 145 3.97 7.27 -17.22
C SER C 145 3.68 7.16 -15.72
N ILE C 146 3.55 8.31 -15.07
CA ILE C 146 3.36 8.33 -13.62
C ILE C 146 2.09 8.97 -13.07
N PHE C 147 1.26 9.60 -13.89
CA PHE C 147 0.04 10.21 -13.37
C PHE C 147 -1.23 9.52 -13.83
N PHE C 148 -2.27 9.63 -13.00
CA PHE C 148 -3.60 9.14 -13.36
C PHE C 148 -4.36 10.46 -13.55
N TYR C 149 -5.11 10.57 -14.65
CA TYR C 149 -5.86 11.79 -14.92
C TYR C 149 -7.34 11.55 -14.69
N LEU C 150 -7.91 12.29 -13.74
CA LEU C 150 -9.32 12.15 -13.41
C LEU C 150 -10.11 13.17 -14.21
N MET C 151 -11.08 12.69 -14.99
CA MET C 151 -11.90 13.57 -15.83
C MET C 151 -13.35 13.49 -15.37
N ASP C 152 -14.01 14.65 -15.23
CA ASP C 152 -15.40 14.64 -14.77
C ASP C 152 -16.41 14.32 -15.87
N PRO C 153 -17.70 14.17 -15.49
CA PRO C 153 -18.78 13.87 -16.45
C PRO C 153 -18.92 14.83 -17.63
N GLU C 154 -18.26 15.97 -17.56
CA GLU C 154 -18.33 16.94 -18.65
C GLU C 154 -17.05 16.84 -19.48
N GLY C 155 -16.23 15.83 -19.19
CA GLY C 155 -15.00 15.63 -19.91
C GLY C 155 -13.89 16.58 -19.55
N GLN C 156 -14.02 17.25 -18.41
CA GLN C 156 -13.01 18.20 -17.96
C GLN C 156 -12.02 17.60 -16.97
N PHE C 157 -10.77 18.02 -17.07
CA PHE C 157 -9.72 17.56 -16.17
C PHE C 157 -9.98 18.18 -14.80
N VAL C 158 -10.01 17.35 -13.77
CA VAL C 158 -10.23 17.88 -12.43
C VAL C 158 -9.08 17.61 -11.49
N ASP C 159 -8.28 16.59 -11.78
CA ASP C 159 -7.15 16.28 -10.91
C ASP C 159 -6.24 15.17 -11.44
N ALA C 160 -4.98 15.22 -11.06
CA ALA C 160 -4.01 14.20 -11.46
C ALA C 160 -3.49 13.56 -10.19
N LEU C 161 -3.43 12.24 -10.17
CA LEU C 161 -2.94 11.55 -9.00
C LEU C 161 -1.59 10.94 -9.33
N GLY C 162 -0.56 11.46 -8.67
CA GLY C 162 0.80 10.98 -8.88
C GLY C 162 1.12 9.80 -8.00
N ARG C 163 2.39 9.40 -8.01
CA ARG C 163 2.82 8.26 -7.23
C ARG C 163 2.82 8.50 -5.73
N ASN C 164 2.66 9.76 -5.32
CA ASN C 164 2.65 10.06 -3.90
C ASN C 164 1.32 9.71 -3.25
N TYR C 165 0.35 9.29 -4.06
CA TYR C 165 -0.93 8.85 -3.53
C TYR C 165 -0.82 7.33 -3.42
N ASP C 166 -1.19 6.80 -2.26
CA ASP C 166 -1.13 5.35 -2.05
C ASP C 166 -2.50 4.73 -2.18
N GLU C 167 -2.61 3.44 -1.87
CA GLU C 167 -3.87 2.72 -1.99
C GLU C 167 -5.03 3.34 -1.22
N LYS C 168 -4.73 4.12 -0.19
CA LYS C 168 -5.77 4.76 0.62
C LYS C 168 -6.03 6.23 0.31
N THR C 169 -4.97 7.03 0.27
CA THR C 169 -5.15 8.46 0.00
C THR C 169 -5.68 8.73 -1.40
N GLY C 170 -5.38 7.84 -2.34
CA GLY C 170 -5.87 8.03 -3.70
C GLY C 170 -7.38 7.89 -3.71
N VAL C 171 -7.88 6.90 -2.99
CA VAL C 171 -9.32 6.70 -2.92
C VAL C 171 -10.00 7.91 -2.29
N ASP C 172 -9.42 8.43 -1.21
CA ASP C 172 -10.00 9.58 -0.52
C ASP C 172 -10.17 10.78 -1.45
N LYS C 173 -9.16 11.03 -2.27
CA LYS C 173 -9.18 12.14 -3.21
C LYS C 173 -10.24 11.98 -4.29
N ILE C 174 -10.38 10.77 -4.82
CA ILE C 174 -11.37 10.52 -5.85
C ILE C 174 -12.78 10.68 -5.28
N VAL C 175 -13.01 10.10 -4.09
CA VAL C 175 -14.32 10.20 -3.46
C VAL C 175 -14.73 11.66 -3.31
N GLU C 176 -13.80 12.48 -2.83
CA GLU C 176 -14.04 13.91 -2.64
C GLU C 176 -14.57 14.56 -3.91
N HIS C 177 -13.92 14.28 -5.04
CA HIS C 177 -14.32 14.83 -6.33
C HIS C 177 -15.68 14.34 -6.82
N VAL C 178 -15.91 13.04 -6.70
CA VAL C 178 -17.16 12.45 -7.15
C VAL C 178 -18.37 12.91 -6.35
N LYS C 179 -18.24 12.88 -5.02
CA LYS C 179 -19.34 13.28 -4.16
C LYS C 179 -19.65 14.77 -4.14
N SER C 180 -18.67 15.61 -4.47
CA SER C 180 -18.91 17.04 -4.47
C SER C 180 -19.26 17.57 -5.87
N TYR C 181 -19.22 16.70 -6.87
CA TYR C 181 -19.51 17.10 -8.23
C TYR C 181 -20.94 17.61 -8.43
N VAL C 182 -21.05 18.67 -9.23
CA VAL C 182 -22.33 19.28 -9.57
C VAL C 182 -22.22 19.72 -11.04
N PRO C 183 -23.20 19.36 -11.87
CA PRO C 183 -23.17 19.74 -13.28
C PRO C 183 -23.22 21.25 -13.52
N ALA C 184 -22.85 21.67 -14.73
CA ALA C 184 -22.84 23.08 -15.11
C ALA C 184 -24.10 23.80 -14.64
N PRO D 18 -15.84 -11.08 -12.63
CA PRO D 18 -16.13 -10.14 -11.52
C PRO D 18 -14.91 -9.25 -11.22
N SER D 19 -15.14 -8.12 -10.56
CA SER D 19 -14.06 -7.19 -10.22
C SER D 19 -13.01 -7.86 -9.34
N LEU D 20 -13.44 -8.91 -8.63
CA LEU D 20 -12.55 -9.71 -7.79
C LEU D 20 -13.16 -11.09 -7.79
N GLY D 21 -12.33 -12.12 -7.87
CA GLY D 21 -12.83 -13.47 -7.92
C GLY D 21 -12.85 -13.95 -9.36
N GLY D 22 -13.54 -15.05 -9.61
CA GLY D 22 -13.60 -15.58 -10.96
C GLY D 22 -13.74 -17.09 -10.95
N PRO D 23 -13.55 -17.74 -12.10
CA PRO D 23 -13.68 -19.20 -12.14
C PRO D 23 -12.64 -19.93 -11.31
N PHE D 24 -13.07 -21.02 -10.67
CA PHE D 24 -12.20 -21.86 -9.87
C PHE D 24 -12.85 -23.22 -9.79
N HIS D 25 -12.05 -24.25 -9.54
CA HIS D 25 -12.56 -25.61 -9.46
C HIS D 25 -11.91 -26.30 -8.26
N LEU D 26 -12.72 -26.56 -7.24
CA LEU D 26 -12.26 -27.21 -6.02
C LEU D 26 -13.18 -28.37 -5.67
N GLU D 27 -13.02 -28.89 -4.45
CA GLU D 27 -13.86 -29.98 -3.95
C GLU D 27 -14.21 -29.62 -2.52
N ASP D 28 -15.43 -29.95 -2.08
CA ASP D 28 -15.79 -29.64 -0.71
C ASP D 28 -15.27 -30.75 0.19
N MET D 29 -15.41 -30.58 1.49
CA MET D 29 -14.91 -31.57 2.45
C MET D 29 -15.61 -32.91 2.38
N TYR D 30 -16.61 -33.02 1.51
CA TYR D 30 -17.34 -34.28 1.33
C TYR D 30 -16.91 -34.92 0.02
N GLY D 31 -16.01 -34.25 -0.70
CA GLY D 31 -15.52 -34.78 -1.96
C GLY D 31 -16.28 -34.30 -3.18
N ASN D 32 -17.37 -33.56 -2.94
CA ASN D 32 -18.16 -33.04 -4.05
C ASN D 32 -17.41 -31.93 -4.76
N GLU D 33 -17.62 -31.83 -6.06
CA GLU D 33 -17.00 -30.79 -6.86
C GLU D 33 -17.66 -29.47 -6.47
N PHE D 34 -16.88 -28.40 -6.48
CA PHE D 34 -17.41 -27.09 -6.13
C PHE D 34 -16.71 -26.06 -7.02
N THR D 35 -17.49 -25.34 -7.82
CA THR D 35 -16.92 -24.33 -8.73
C THR D 35 -17.58 -22.98 -8.48
N GLU D 36 -17.19 -21.97 -9.25
CA GLU D 36 -17.77 -20.64 -9.06
C GLU D 36 -19.26 -20.68 -9.35
N LYS D 37 -19.70 -21.70 -10.08
CA LYS D 37 -21.11 -21.85 -10.41
C LYS D 37 -21.89 -22.13 -9.13
N ASN D 38 -21.22 -22.71 -8.13
CA ASN D 38 -21.86 -23.01 -6.87
C ASN D 38 -22.11 -21.76 -6.02
N LEU D 39 -21.60 -20.61 -6.47
CA LEU D 39 -21.81 -19.36 -5.73
C LEU D 39 -23.14 -18.72 -6.11
N LEU D 40 -23.63 -19.05 -7.30
CA LEU D 40 -24.88 -18.50 -7.83
C LEU D 40 -26.14 -18.87 -7.05
N GLY D 41 -27.06 -17.92 -6.94
CA GLY D 41 -28.30 -18.18 -6.24
C GLY D 41 -28.38 -17.75 -4.78
N LYS D 42 -27.25 -17.36 -4.20
CA LYS D 42 -27.26 -16.94 -2.81
C LYS D 42 -26.07 -16.07 -2.42
N PHE D 43 -26.11 -15.54 -1.20
CA PHE D 43 -25.02 -14.72 -0.69
C PHE D 43 -23.97 -15.61 -0.08
N SER D 44 -22.74 -15.51 -0.57
CA SER D 44 -21.65 -16.32 -0.05
C SER D 44 -20.62 -15.45 0.65
N ILE D 45 -20.02 -15.99 1.70
CA ILE D 45 -18.98 -15.28 2.43
C ILE D 45 -17.83 -16.29 2.49
N ILE D 46 -16.70 -15.90 1.92
CA ILE D 46 -15.53 -16.76 1.80
C ILE D 46 -14.35 -16.34 2.68
N TYR D 47 -13.69 -17.32 3.28
CA TYR D 47 -12.53 -17.04 4.11
C TYR D 47 -11.42 -17.97 3.68
N PHE D 48 -10.24 -17.41 3.45
CA PHE D 48 -9.05 -18.16 3.05
C PHE D 48 -8.15 -18.37 4.27
N GLY D 49 -8.12 -19.59 4.80
CA GLY D 49 -7.27 -19.88 5.96
C GLY D 49 -6.70 -21.28 5.86
N PHE D 50 -6.38 -21.89 7.00
CA PHE D 50 -5.86 -23.27 7.02
C PHE D 50 -6.09 -23.91 8.38
N SER D 51 -6.24 -25.23 8.39
CA SER D 51 -6.52 -25.99 9.61
C SER D 51 -5.46 -25.94 10.71
N ASN D 52 -4.21 -25.74 10.34
CA ASN D 52 -3.17 -25.69 11.34
C ASN D 52 -2.91 -24.28 11.86
N CYS D 53 -3.98 -23.50 11.88
CA CYS D 53 -3.98 -22.13 12.38
C CYS D 53 -4.80 -22.21 13.67
N PRO D 54 -4.12 -22.16 14.83
CA PRO D 54 -4.81 -22.23 16.13
C PRO D 54 -5.32 -20.92 16.72
N ASP D 55 -4.87 -19.78 16.22
CA ASP D 55 -5.30 -18.50 16.77
C ASP D 55 -6.14 -17.61 15.87
N ILE D 56 -5.50 -16.97 14.89
CA ILE D 56 -6.18 -16.07 13.97
C ILE D 56 -7.43 -16.64 13.29
N CYS D 57 -7.30 -17.79 12.65
CA CYS D 57 -8.44 -18.40 11.98
C CYS D 57 -9.58 -18.78 12.92
N PRO D 58 -9.26 -19.38 14.09
CA PRO D 58 -10.34 -19.74 15.01
C PRO D 58 -11.11 -18.51 15.45
N ASP D 59 -10.40 -17.44 15.76
CA ASP D 59 -11.02 -16.19 16.19
C ASP D 59 -11.93 -15.64 15.10
N GLU D 60 -11.45 -15.69 13.85
CA GLU D 60 -12.24 -15.19 12.73
C GLU D 60 -13.45 -16.08 12.49
N LEU D 61 -13.25 -17.39 12.57
CA LEU D 61 -14.34 -18.34 12.37
C LEU D 61 -15.38 -18.21 13.48
N ASP D 62 -14.93 -17.93 14.70
CA ASP D 62 -15.86 -17.77 15.81
C ASP D 62 -16.72 -16.53 15.52
N LYS D 63 -16.05 -15.44 15.13
CA LYS D 63 -16.77 -14.22 14.82
C LYS D 63 -17.76 -14.51 13.69
N LEU D 64 -17.30 -15.28 12.71
CA LEU D 64 -18.15 -15.65 11.58
C LEU D 64 -19.37 -16.40 12.06
N GLY D 65 -19.18 -17.25 13.07
CA GLY D 65 -20.28 -18.01 13.62
C GLY D 65 -21.31 -17.10 14.24
N LEU D 66 -20.85 -16.11 15.00
CA LEU D 66 -21.75 -15.16 15.64
C LEU D 66 -22.54 -14.41 14.57
N TRP D 67 -21.86 -13.97 13.51
CA TRP D 67 -22.55 -13.26 12.43
C TRP D 67 -23.65 -14.13 11.84
N LEU D 68 -23.31 -15.37 11.51
CA LEU D 68 -24.26 -16.30 10.92
C LEU D 68 -25.53 -16.47 11.74
N ASN D 69 -25.38 -16.62 13.05
CA ASN D 69 -26.54 -16.80 13.92
C ASN D 69 -27.35 -15.53 14.14
N THR D 70 -26.67 -14.38 14.13
CA THR D 70 -27.36 -13.12 14.30
C THR D 70 -28.13 -12.82 13.01
N LEU D 71 -27.47 -13.06 11.88
CA LEU D 71 -28.08 -12.84 10.57
C LEU D 71 -29.28 -13.73 10.33
N SER D 72 -29.17 -14.99 10.72
CA SER D 72 -30.24 -15.96 10.53
C SER D 72 -31.41 -15.77 11.51
N SER D 73 -31.08 -15.43 12.75
CA SER D 73 -32.10 -15.26 13.78
C SER D 73 -32.82 -13.90 13.78
N LYS D 74 -32.11 -12.84 13.40
CA LYS D 74 -32.69 -11.51 13.41
C LYS D 74 -33.13 -10.91 12.08
N TYR D 75 -32.50 -11.32 10.98
CA TYR D 75 -32.87 -10.76 9.68
C TYR D 75 -33.31 -11.81 8.66
N GLY D 76 -33.28 -13.07 9.06
CA GLY D 76 -33.70 -14.13 8.16
C GLY D 76 -32.73 -14.28 7.00
N ILE D 77 -31.48 -13.90 7.22
CA ILE D 77 -30.46 -14.01 6.19
C ILE D 77 -29.59 -15.24 6.41
N THR D 78 -29.51 -16.10 5.41
CA THR D 78 -28.70 -17.30 5.49
C THR D 78 -27.62 -17.21 4.43
N LEU D 79 -26.37 -17.06 4.87
CA LEU D 79 -25.24 -16.96 3.95
C LEU D 79 -24.64 -18.33 3.70
N GLN D 80 -23.92 -18.46 2.59
CA GLN D 80 -23.23 -19.70 2.28
C GLN D 80 -21.79 -19.45 2.68
N PRO D 81 -21.40 -19.90 3.88
CA PRO D 81 -20.04 -19.74 4.42
C PRO D 81 -19.08 -20.76 3.83
N LEU D 82 -17.98 -20.28 3.26
CA LEU D 82 -16.99 -21.14 2.64
C LEU D 82 -15.61 -20.88 3.24
N PHE D 83 -14.94 -21.97 3.59
CA PHE D 83 -13.60 -21.89 4.15
C PHE D 83 -12.70 -22.56 3.13
N ILE D 84 -11.87 -21.78 2.45
CA ILE D 84 -10.97 -22.34 1.43
C ILE D 84 -9.58 -22.46 2.04
N THR D 85 -9.02 -23.67 2.02
CA THR D 85 -7.70 -23.84 2.59
C THR D 85 -6.59 -23.35 1.68
N CYS D 86 -5.60 -22.71 2.28
CA CYS D 86 -4.43 -22.22 1.56
C CYS D 86 -3.26 -23.17 1.82
N ASP D 87 -3.56 -24.32 2.42
CA ASP D 87 -2.55 -25.35 2.73
C ASP D 87 -3.13 -26.70 2.27
N PRO D 88 -3.34 -26.85 0.96
CA PRO D 88 -3.87 -28.11 0.45
C PRO D 88 -3.00 -29.32 0.76
N ALA D 89 -1.72 -29.09 1.02
CA ALA D 89 -0.82 -30.21 1.32
C ALA D 89 -1.27 -30.99 2.55
N ARG D 90 -1.74 -30.27 3.57
CA ARG D 90 -2.19 -30.93 4.80
C ARG D 90 -3.69 -30.98 4.98
N ASP D 91 -4.39 -30.01 4.39
CA ASP D 91 -5.84 -29.93 4.56
C ASP D 91 -6.68 -30.76 3.59
N SER D 92 -6.67 -32.07 3.85
CA SER D 92 -7.44 -33.04 3.07
C SER D 92 -8.89 -32.88 3.49
N PRO D 93 -9.82 -33.45 2.72
CA PRO D 93 -11.23 -33.33 3.10
C PRO D 93 -11.47 -33.77 4.54
N ALA D 94 -10.83 -34.86 4.94
CA ALA D 94 -10.98 -35.38 6.30
C ALA D 94 -10.46 -34.42 7.36
N VAL D 95 -9.29 -33.83 7.12
CA VAL D 95 -8.71 -32.89 8.07
C VAL D 95 -9.62 -31.65 8.17
N LEU D 96 -10.20 -31.23 7.05
CA LEU D 96 -11.08 -30.08 7.07
C LEU D 96 -12.36 -30.35 7.87
N LYS D 97 -12.94 -31.54 7.68
CA LYS D 97 -14.14 -31.89 8.42
C LYS D 97 -13.85 -31.82 9.90
N GLU D 98 -12.77 -32.46 10.32
CA GLU D 98 -12.35 -32.48 11.72
C GLU D 98 -12.10 -31.07 12.25
N TYR D 99 -11.37 -30.27 11.50
CA TYR D 99 -11.06 -28.91 11.93
C TYR D 99 -12.31 -28.05 12.12
N LEU D 100 -13.20 -28.07 11.13
CA LEU D 100 -14.41 -27.27 11.17
C LEU D 100 -15.47 -27.78 12.14
N SER D 101 -15.25 -28.97 12.72
CA SER D 101 -16.22 -29.52 13.65
C SER D 101 -16.32 -28.70 14.93
N ASP D 102 -15.35 -27.83 15.16
CA ASP D 102 -15.38 -26.99 16.36
C ASP D 102 -15.95 -25.61 16.07
N PHE D 103 -16.48 -25.42 14.87
CA PHE D 103 -17.04 -24.13 14.48
C PHE D 103 -18.46 -24.27 13.92
N HIS D 104 -19.05 -23.15 13.52
CA HIS D 104 -20.42 -23.16 12.99
C HIS D 104 -20.59 -24.30 12.00
N PRO D 105 -21.62 -25.15 12.21
CA PRO D 105 -21.93 -26.30 11.37
C PRO D 105 -22.28 -26.02 9.91
N SER D 106 -22.56 -24.80 9.60
N SER D 106 -22.54 -24.79 9.60
CA SER D 106 -22.88 -24.48 8.22
CA SER D 106 -22.89 -24.49 8.22
C SER D 106 -21.65 -24.15 7.38
C SER D 106 -21.65 -24.15 7.40
N ILE D 107 -20.54 -23.90 8.01
CA ILE D 107 -19.31 -23.61 7.27
C ILE D 107 -18.87 -24.81 6.45
N LEU D 108 -18.69 -24.60 5.15
CA LEU D 108 -18.25 -25.68 4.25
C LEU D 108 -16.78 -25.52 3.88
N GLY D 109 -15.99 -26.56 4.13
CA GLY D 109 -14.58 -26.50 3.80
C GLY D 109 -14.33 -26.89 2.35
N LEU D 110 -13.43 -26.17 1.70
CA LEU D 110 -13.09 -26.43 0.30
C LEU D 110 -11.59 -26.64 0.16
N THR D 111 -11.19 -27.58 -0.70
CA THR D 111 -9.77 -27.85 -0.91
C THR D 111 -9.58 -28.32 -2.34
N GLY D 112 -8.37 -28.77 -2.68
CA GLY D 112 -8.12 -29.23 -4.03
C GLY D 112 -6.63 -29.45 -4.23
N THR D 113 -6.21 -29.57 -5.49
CA THR D 113 -4.79 -29.76 -5.77
C THR D 113 -4.11 -28.41 -5.58
N PHE D 114 -2.79 -28.39 -5.57
CA PHE D 114 -2.07 -27.14 -5.43
C PHE D 114 -2.47 -26.18 -6.54
N ASP D 115 -2.51 -26.67 -7.77
CA ASP D 115 -2.87 -25.83 -8.89
C ASP D 115 -4.28 -25.24 -8.78
N GLU D 116 -5.24 -26.04 -8.31
CA GLU D 116 -6.61 -25.56 -8.17
C GLU D 116 -6.72 -24.49 -7.08
N VAL D 117 -6.04 -24.70 -5.96
CA VAL D 117 -6.06 -23.74 -4.85
C VAL D 117 -5.31 -22.48 -5.24
N LYS D 118 -4.19 -22.64 -5.94
CA LYS D 118 -3.39 -21.51 -6.38
C LYS D 118 -4.23 -20.61 -7.29
N ASN D 119 -4.99 -21.22 -8.20
CA ASN D 119 -5.84 -20.46 -9.11
C ASN D 119 -6.92 -19.70 -8.33
N ALA D 120 -7.56 -20.37 -7.38
CA ALA D 120 -8.61 -19.73 -6.58
C ALA D 120 -8.03 -18.53 -5.83
N CYS D 121 -6.84 -18.70 -5.28
CA CYS D 121 -6.20 -17.62 -4.55
C CYS D 121 -5.89 -16.45 -5.49
N LYS D 122 -5.40 -16.76 -6.69
CA LYS D 122 -5.08 -15.73 -7.66
C LYS D 122 -6.32 -14.91 -8.02
N LYS D 123 -7.44 -15.59 -8.25
CA LYS D 123 -8.66 -14.90 -8.61
C LYS D 123 -9.10 -13.91 -7.53
N TYR D 124 -8.88 -14.26 -6.27
CA TYR D 124 -9.25 -13.36 -5.17
C TYR D 124 -8.08 -12.51 -4.69
N ARG D 125 -7.00 -12.54 -5.47
CA ARG D 125 -5.79 -11.79 -5.16
C ARG D 125 -5.26 -12.05 -3.77
N VAL D 126 -5.28 -13.33 -3.40
CA VAL D 126 -4.77 -13.77 -2.11
C VAL D 126 -3.41 -14.39 -2.42
N TYR D 127 -2.37 -13.93 -1.72
CA TYR D 127 -1.05 -14.49 -1.94
C TYR D 127 -1.00 -15.92 -1.42
N PHE D 128 -0.50 -16.82 -2.26
CA PHE D 128 -0.39 -18.24 -1.94
C PHE D 128 1.07 -18.65 -1.82
N SER D 129 1.40 -19.42 -0.78
CA SER D 129 2.76 -19.89 -0.57
C SER D 129 2.77 -21.41 -0.53
N THR D 130 3.87 -22.02 -0.94
CA THR D 130 3.98 -23.47 -0.92
C THR D 130 4.73 -23.85 0.36
N PRO D 131 4.48 -25.05 0.88
CA PRO D 131 5.17 -25.48 2.10
C PRO D 131 6.68 -25.51 1.90
N PRO D 132 7.45 -25.09 2.92
CA PRO D 132 8.90 -25.11 2.78
C PRO D 132 9.39 -26.57 2.80
N ASN D 133 10.61 -26.79 2.32
CA ASN D 133 11.17 -28.15 2.28
C ASN D 133 11.53 -28.66 3.67
N VAL D 134 10.52 -28.85 4.52
CA VAL D 134 10.75 -29.34 5.86
C VAL D 134 10.50 -30.85 5.94
N LYS D 135 11.02 -31.47 7.01
CA LYS D 135 10.85 -32.90 7.20
C LYS D 135 9.37 -33.22 7.24
N PRO D 136 8.97 -34.40 6.74
CA PRO D 136 7.56 -34.77 6.76
C PRO D 136 7.00 -34.79 8.18
N GLY D 137 5.83 -34.17 8.37
CA GLY D 137 5.21 -34.15 9.67
C GLY D 137 5.61 -32.94 10.51
N GLN D 138 6.54 -32.14 9.98
CA GLN D 138 7.00 -30.94 10.68
C GLN D 138 6.04 -29.79 10.37
N ASP D 139 5.65 -29.05 11.40
CA ASP D 139 4.72 -27.93 11.24
C ASP D 139 5.35 -26.76 10.47
N TYR D 140 4.52 -25.95 9.82
CA TYR D 140 5.01 -24.82 9.05
C TYR D 140 3.95 -23.74 8.87
N LEU D 141 4.40 -22.53 8.56
CA LEU D 141 3.50 -21.39 8.37
C LEU D 141 2.89 -21.40 6.99
N VAL D 142 1.69 -20.82 6.90
CA VAL D 142 0.96 -20.75 5.64
C VAL D 142 0.43 -19.32 5.45
N ASP D 143 0.65 -18.74 4.28
CA ASP D 143 0.14 -17.39 4.01
C ASP D 143 -1.34 -17.54 3.67
N HIS D 144 -2.16 -16.63 4.17
CA HIS D 144 -3.60 -16.68 3.89
C HIS D 144 -4.16 -15.27 4.09
N SER D 145 -5.41 -15.05 3.71
CA SER D 145 -6.03 -13.73 3.84
C SER D 145 -6.76 -13.57 5.17
N ILE D 146 -6.86 -12.33 5.64
CA ILE D 146 -7.54 -12.06 6.90
C ILE D 146 -8.92 -11.43 6.67
N PHE D 147 -9.33 -11.38 5.40
CA PHE D 147 -10.62 -10.81 5.03
C PHE D 147 -11.69 -11.85 4.71
N PHE D 148 -12.95 -11.43 4.83
CA PHE D 148 -14.09 -12.26 4.47
C PHE D 148 -14.57 -11.62 3.17
N TYR D 149 -14.72 -12.43 2.13
CA TYR D 149 -15.16 -11.91 0.84
C TYR D 149 -16.63 -12.21 0.60
N LEU D 150 -17.45 -11.16 0.56
CA LEU D 150 -18.87 -11.32 0.33
C LEU D 150 -19.17 -11.30 -1.16
N MET D 151 -19.76 -12.38 -1.67
CA MET D 151 -20.10 -12.48 -3.08
C MET D 151 -21.64 -12.51 -3.19
N ASP D 152 -22.19 -11.87 -4.21
CA ASP D 152 -23.65 -11.82 -4.37
C ASP D 152 -24.20 -13.00 -5.17
N PRO D 153 -25.55 -13.16 -5.18
CA PRO D 153 -26.16 -14.26 -5.92
C PRO D 153 -25.82 -14.37 -7.40
N GLU D 154 -25.12 -13.38 -7.94
CA GLU D 154 -24.72 -13.42 -9.34
C GLU D 154 -23.21 -13.70 -9.45
N GLY D 155 -22.62 -14.06 -8.31
CA GLY D 155 -21.19 -14.36 -8.30
C GLY D 155 -20.30 -13.14 -8.37
N GLN D 156 -20.88 -11.96 -8.15
CA GLN D 156 -20.11 -10.72 -8.21
C GLN D 156 -19.55 -10.32 -6.85
N PHE D 157 -18.39 -9.67 -6.88
CA PHE D 157 -17.74 -9.22 -5.65
C PHE D 157 -18.53 -8.07 -5.06
N VAL D 158 -18.80 -8.15 -3.76
CA VAL D 158 -19.55 -7.10 -3.08
C VAL D 158 -18.69 -6.30 -2.11
N ASP D 159 -17.98 -7.00 -1.23
CA ASP D 159 -17.17 -6.31 -0.23
C ASP D 159 -16.17 -7.28 0.41
N ALA D 160 -15.11 -6.74 0.98
CA ALA D 160 -14.08 -7.53 1.67
C ALA D 160 -14.07 -7.00 3.09
N LEU D 161 -14.53 -7.82 4.04
CA LEU D 161 -14.61 -7.40 5.44
C LEU D 161 -13.41 -7.81 6.29
N GLY D 162 -12.70 -6.80 6.80
CA GLY D 162 -11.53 -7.07 7.62
C GLY D 162 -11.78 -7.00 9.10
N ARG D 163 -10.70 -7.03 9.88
CA ARG D 163 -10.76 -6.96 11.33
C ARG D 163 -11.61 -5.81 11.83
N ASN D 164 -11.71 -4.75 11.02
CA ASN D 164 -12.49 -3.58 11.37
C ASN D 164 -13.87 -3.94 11.92
N TYR D 165 -14.60 -4.74 11.18
CA TYR D 165 -15.96 -5.15 11.57
C TYR D 165 -15.98 -6.19 12.68
N ASP D 166 -16.82 -5.95 13.68
CA ASP D 166 -16.94 -6.86 14.82
C ASP D 166 -18.25 -7.64 14.76
N GLU D 167 -18.63 -8.21 15.91
CA GLU D 167 -19.86 -8.99 16.00
C GLU D 167 -21.08 -8.20 15.54
N LYS D 168 -21.16 -6.94 15.95
CA LYS D 168 -22.29 -6.09 15.59
C LYS D 168 -22.11 -5.39 14.25
N THR D 169 -21.00 -4.66 14.13
CA THR D 169 -20.71 -3.91 12.91
C THR D 169 -20.63 -4.79 11.68
N GLY D 170 -20.16 -6.03 11.84
CA GLY D 170 -20.06 -6.93 10.71
C GLY D 170 -21.43 -7.23 10.13
N VAL D 171 -22.39 -7.47 11.02
CA VAL D 171 -23.75 -7.79 10.61
C VAL D 171 -24.40 -6.62 9.86
N ASP D 172 -24.24 -5.41 10.41
CA ASP D 172 -24.82 -4.23 9.78
C ASP D 172 -24.42 -4.08 8.32
N LYS D 173 -23.14 -4.19 8.04
CA LYS D 173 -22.62 -4.05 6.68
C LYS D 173 -23.19 -5.11 5.74
N ILE D 174 -23.20 -6.36 6.20
CA ILE D 174 -23.74 -7.43 5.37
C ILE D 174 -25.21 -7.14 5.09
N VAL D 175 -25.97 -6.83 6.13
CA VAL D 175 -27.39 -6.51 5.96
C VAL D 175 -27.56 -5.38 4.96
N GLU D 176 -26.72 -4.36 5.07
CA GLU D 176 -26.77 -3.22 4.17
C GLU D 176 -26.66 -3.69 2.72
N HIS D 177 -25.69 -4.56 2.45
CA HIS D 177 -25.47 -5.07 1.10
C HIS D 177 -26.60 -5.99 0.65
N VAL D 178 -27.10 -6.82 1.55
CA VAL D 178 -28.19 -7.72 1.21
C VAL D 178 -29.42 -6.88 0.82
N LYS D 179 -29.71 -5.87 1.64
CA LYS D 179 -30.87 -5.02 1.39
C LYS D 179 -30.78 -4.22 0.10
N SER D 180 -29.58 -3.88 -0.33
CA SER D 180 -29.40 -3.09 -1.55
C SER D 180 -29.45 -3.94 -2.82
N TYR D 181 -29.49 -5.26 -2.66
CA TYR D 181 -29.52 -6.15 -3.82
C TYR D 181 -30.96 -6.60 -4.09
PT PT E . -2.22 20.34 -8.99
PT PT F . -0.85 -18.80 12.13
#